data_5M5V
#
_entry.id   5M5V
#
_cell.length_a   136.900
_cell.length_b   131.230
_cell.length_c   78.450
_cell.angle_alpha   90.00
_cell.angle_beta   115.86
_cell.angle_gamma   90.00
#
_symmetry.space_group_name_H-M   'C 1 2 1'
#
loop_
_entity.id
_entity.type
_entity.pdbx_description
1 polymer 'Clathrin heavy chain 1'
2 polymer 'Large delta antigen'
3 non-polymer GLYCEROL
4 water water
#
loop_
_entity_poly.entity_id
_entity_poly.type
_entity_poly.pdbx_seq_one_letter_code
_entity_poly.pdbx_strand_id
1 'polypeptide(L)'
;GSMAQILPIRFQEHLQLQNLGINPANIGFSTLTMESDKFICIREKVGEQAQVVIIDMNDPSNPIRRPISADSAIMNPASK
VIALKAGKTLQIFNIEMKSKMKAHTMTDDVTFWKWISLNTVALVTDNAVYHWSMEGESQPVKMFDRHSSLAGCQIINYRT
DAKQKWLLLTGISAQQNRVVGAMQLYSVDRKVSQPIEGHAASFAQFKMEGNAEESTLFCFAVRGQAGGKLHIIEVGTPPT
GNQPFPKKAVDVFFPPEAQNDFPVAMQISEKHDVVFLITKYGYIHLYDLETGTCIYMNRISGETIFVTAPHEATAGIIGV
NRKGQVLSVCVEEENIIPYITNVLQNPDLALRMAVRNNLAGAEEL
;
A,B
2 'polypeptide(L)' SPRLPLLES E,F,G,H,I,J
#
# COMPACT_ATOMS: atom_id res chain seq x y z
N ILE A 6 10.25 -4.77 -20.65
CA ILE A 6 9.95 -5.87 -19.67
C ILE A 6 8.62 -5.58 -19.00
N LEU A 7 7.81 -6.59 -18.81
CA LEU A 7 6.46 -6.36 -18.40
C LEU A 7 6.37 -6.89 -17.03
N PRO A 8 5.54 -6.26 -16.19
CA PRO A 8 5.35 -6.77 -14.84
C PRO A 8 4.47 -8.01 -14.79
N ILE A 9 3.91 -8.42 -15.94
CA ILE A 9 3.07 -9.59 -16.04
C ILE A 9 3.58 -10.59 -17.07
N ARG A 10 3.10 -11.81 -16.90
CA ARG A 10 3.28 -12.89 -17.86
C ARG A 10 1.88 -13.24 -18.40
N PHE A 11 1.75 -13.22 -19.71
CA PHE A 11 0.52 -13.40 -20.40
C PHE A 11 0.65 -14.71 -21.19
N GLN A 12 -0.32 -15.60 -21.09
CA GLN A 12 -0.30 -16.75 -21.96
C GLN A 12 -1.61 -17.26 -22.49
N GLU A 13 -1.52 -17.88 -23.65
CA GLU A 13 -2.62 -18.59 -24.22
C GLU A 13 -2.46 -20.10 -23.94
N HIS A 14 -3.37 -20.70 -23.19
CA HIS A 14 -3.28 -22.13 -22.84
C HIS A 14 -3.93 -23.04 -23.84
N LEU A 15 -4.97 -22.56 -24.51
CA LEU A 15 -5.76 -23.41 -25.40
C LEU A 15 -6.58 -22.56 -26.34
N GLN A 16 -6.91 -23.10 -27.49
CA GLN A 16 -7.98 -22.58 -28.35
C GLN A 16 -9.04 -23.63 -28.45
N LEU A 17 -10.22 -23.37 -27.91
CA LEU A 17 -11.25 -24.38 -27.76
C LEU A 17 -11.80 -24.80 -29.13
N GLN A 18 -11.69 -23.93 -30.12
CA GLN A 18 -12.16 -24.28 -31.47
C GLN A 18 -11.30 -25.36 -32.07
N ASN A 19 -10.04 -25.46 -31.64
CA ASN A 19 -9.19 -26.59 -32.05
C ASN A 19 -9.57 -27.88 -31.45
N LEU A 20 -10.48 -27.92 -30.48
CA LEU A 20 -11.02 -29.17 -29.97
C LEU A 20 -12.39 -29.45 -30.53
N GLY A 21 -12.73 -28.89 -31.68
CA GLY A 21 -14.04 -29.15 -32.24
C GLY A 21 -15.17 -28.41 -31.58
N ILE A 22 -14.90 -27.51 -30.66
CA ILE A 22 -15.96 -26.73 -30.01
C ILE A 22 -16.55 -25.69 -30.97
N ASN A 23 -17.86 -25.78 -31.15
CA ASN A 23 -18.61 -24.81 -31.93
C ASN A 23 -18.57 -23.46 -31.24
N PRO A 24 -18.14 -22.42 -31.95
CA PRO A 24 -18.07 -21.11 -31.34
C PRO A 24 -19.44 -20.59 -30.85
N ALA A 25 -20.57 -21.09 -31.40
CA ALA A 25 -21.91 -20.75 -30.85
C ALA A 25 -22.09 -21.18 -29.40
N ASN A 26 -21.24 -22.08 -28.90
CA ASN A 26 -21.38 -22.54 -27.50
C ASN A 26 -20.36 -21.98 -26.59
N ILE A 27 -19.58 -21.05 -27.12
CA ILE A 27 -18.59 -20.42 -26.33
C ILE A 27 -19.18 -19.10 -25.84
N GLY A 28 -19.81 -19.17 -24.67
CA GLY A 28 -20.52 -18.03 -24.14
C GLY A 28 -20.96 -18.30 -22.72
N PHE A 29 -21.41 -17.24 -22.10
CA PHE A 29 -21.68 -17.26 -20.67
C PHE A 29 -22.68 -18.35 -20.27
N SER A 30 -23.72 -18.58 -21.04
CA SER A 30 -24.74 -19.52 -20.61
C SER A 30 -24.40 -20.98 -20.94
N THR A 31 -23.40 -21.25 -21.79
CA THR A 31 -23.12 -22.65 -22.19
C THR A 31 -21.70 -23.14 -21.80
N LEU A 32 -20.82 -22.23 -21.38
CA LEU A 32 -19.43 -22.55 -21.02
C LEU A 32 -19.13 -22.07 -19.66
N THR A 33 -18.69 -23.00 -18.81
CA THR A 33 -18.40 -22.72 -17.44
C THR A 33 -17.00 -23.15 -17.10
N MET A 34 -16.43 -22.37 -16.22
CA MET A 34 -15.08 -22.56 -15.74
C MET A 34 -15.04 -22.12 -14.29
N GLU A 35 -15.32 -23.08 -13.40
CA GLU A 35 -15.46 -22.81 -11.99
C GLU A 35 -14.12 -22.78 -11.29
N SER A 36 -13.11 -23.28 -11.95
CA SER A 36 -11.75 -23.22 -11.43
C SER A 36 -10.84 -23.43 -12.64
N ASP A 37 -9.55 -23.38 -12.42
CA ASP A 37 -8.65 -23.64 -13.51
C ASP A 37 -8.48 -25.10 -13.87
N LYS A 38 -9.23 -26.02 -13.27
CA LYS A 38 -9.02 -27.44 -13.54
C LYS A 38 -9.84 -27.97 -14.73
N PHE A 39 -11.00 -27.41 -14.96
CA PHE A 39 -11.92 -27.94 -15.95
C PHE A 39 -12.64 -26.81 -16.66
N ILE A 40 -12.97 -27.05 -17.91
CA ILE A 40 -13.93 -26.26 -18.64
C ILE A 40 -15.01 -27.19 -19.12
N CYS A 41 -16.27 -26.78 -18.93
N CYS A 41 -16.24 -26.74 -18.99
CA CYS A 41 -17.45 -27.55 -19.29
CA CYS A 41 -17.37 -27.50 -19.28
C CYS A 41 -18.24 -26.75 -20.31
C CYS A 41 -18.24 -26.75 -20.30
N ILE A 42 -18.57 -27.40 -21.41
CA ILE A 42 -19.36 -26.79 -22.45
C ILE A 42 -20.57 -27.62 -22.78
N ARG A 43 -21.75 -27.01 -22.74
CA ARG A 43 -22.98 -27.69 -23.17
C ARG A 43 -23.18 -27.46 -24.67
N GLU A 44 -23.41 -28.55 -25.38
CA GLU A 44 -23.56 -28.55 -26.81
C GLU A 44 -24.73 -29.44 -27.19
N LYS A 45 -25.23 -29.27 -28.41
CA LYS A 45 -26.15 -30.17 -29.06
C LYS A 45 -25.47 -30.85 -30.24
N VAL A 46 -25.44 -32.18 -30.29
CA VAL A 46 -25.05 -32.92 -31.53
C VAL A 46 -26.31 -33.68 -31.95
N GLY A 47 -26.89 -33.29 -33.10
CA GLY A 47 -28.18 -33.79 -33.52
C GLY A 47 -29.22 -33.39 -32.49
N GLU A 48 -30.05 -34.36 -32.13
CA GLU A 48 -31.07 -34.19 -31.08
C GLU A 48 -30.45 -34.28 -29.66
N GLN A 49 -29.29 -34.90 -29.53
CA GLN A 49 -28.74 -35.16 -28.19
C GLN A 49 -27.98 -33.92 -27.65
N ALA A 50 -28.40 -33.37 -26.52
CA ALA A 50 -27.56 -32.47 -25.78
C ALA A 50 -26.42 -33.28 -25.12
N GLN A 51 -25.27 -32.64 -25.00
CA GLN A 51 -24.14 -33.26 -24.37
C GLN A 51 -23.34 -32.19 -23.64
N VAL A 52 -22.50 -32.66 -22.73
CA VAL A 52 -21.56 -31.82 -22.03
C VAL A 52 -20.21 -32.29 -22.44
N VAL A 53 -19.35 -31.35 -22.80
CA VAL A 53 -18.03 -31.63 -23.16
C VAL A 53 -17.19 -31.13 -21.98
N ILE A 54 -16.36 -31.99 -21.42
CA ILE A 54 -15.56 -31.62 -20.23
C ILE A 54 -14.14 -31.72 -20.57
N ILE A 55 -13.44 -30.60 -20.43
CA ILE A 55 -12.07 -30.49 -20.77
C ILE A 55 -11.30 -30.41 -19.47
N ASP A 56 -10.50 -31.43 -19.26
CA ASP A 56 -9.61 -31.50 -18.17
C ASP A 56 -8.41 -30.69 -18.56
N MET A 57 -8.17 -29.58 -17.85
CA MET A 57 -7.09 -28.69 -18.19
C MET A 57 -5.69 -29.29 -18.03
N ASN A 58 -5.58 -30.40 -17.34
CA ASN A 58 -4.30 -31.13 -17.31
C ASN A 58 -4.17 -32.18 -18.42
N ASP A 59 -5.23 -32.46 -19.16
CA ASP A 59 -5.18 -33.36 -20.34
C ASP A 59 -6.16 -32.91 -21.42
N PRO A 60 -5.93 -31.71 -21.99
CA PRO A 60 -6.98 -31.00 -22.74
C PRO A 60 -7.27 -31.56 -24.11
N SER A 61 -6.37 -32.34 -24.66
CA SER A 61 -6.64 -32.85 -25.98
C SER A 61 -7.47 -34.11 -25.91
N ASN A 62 -7.87 -34.56 -24.71
CA ASN A 62 -8.76 -35.71 -24.54
C ASN A 62 -10.04 -35.40 -23.75
N PRO A 63 -10.94 -34.63 -24.34
CA PRO A 63 -12.11 -34.30 -23.56
C PRO A 63 -13.06 -35.46 -23.46
N ILE A 64 -13.93 -35.39 -22.46
CA ILE A 64 -14.91 -36.38 -22.03
C ILE A 64 -16.22 -35.79 -22.51
N ARG A 65 -17.03 -36.57 -23.21
CA ARG A 65 -18.35 -36.13 -23.62
C ARG A 65 -19.37 -37.05 -22.97
N ARG A 66 -20.45 -36.47 -22.46
CA ARG A 66 -21.53 -37.26 -21.87
C ARG A 66 -22.83 -36.69 -22.34
N PRO A 67 -23.79 -37.56 -22.67
CA PRO A 67 -25.14 -37.06 -22.85
C PRO A 67 -25.72 -36.43 -21.56
N ILE A 68 -26.43 -35.31 -21.72
CA ILE A 68 -27.15 -34.67 -20.66
C ILE A 68 -28.49 -34.17 -21.11
N SER A 69 -29.34 -33.86 -20.15
CA SER A 69 -30.56 -33.10 -20.41
C SER A 69 -30.69 -31.98 -19.42
N ALA A 70 -29.65 -31.20 -19.26
CA ALA A 70 -29.56 -30.14 -18.32
C ALA A 70 -29.51 -28.79 -19.01
N ASP A 71 -29.99 -27.75 -18.33
CA ASP A 71 -29.86 -26.37 -18.83
C ASP A 71 -28.67 -25.65 -18.31
N SER A 72 -27.87 -26.30 -17.46
CA SER A 72 -26.70 -25.66 -16.90
C SER A 72 -25.89 -26.80 -16.29
N ALA A 73 -24.58 -26.71 -16.49
CA ALA A 73 -23.55 -27.63 -15.92
C ALA A 73 -22.39 -26.84 -15.30
N ILE A 74 -22.09 -27.12 -14.03
CA ILE A 74 -20.92 -26.54 -13.34
C ILE A 74 -20.09 -27.59 -12.56
N MET A 75 -18.83 -27.70 -12.96
CA MET A 75 -17.94 -28.66 -12.40
C MET A 75 -17.40 -28.15 -11.07
N ASN A 76 -17.24 -29.08 -10.13
CA ASN A 76 -16.61 -28.81 -8.86
C ASN A 76 -15.24 -28.21 -9.11
N PRO A 77 -14.75 -27.34 -8.20
CA PRO A 77 -13.41 -26.79 -8.45
C PRO A 77 -12.29 -27.75 -8.45
N ALA A 78 -12.40 -28.89 -7.76
CA ALA A 78 -11.23 -29.76 -7.59
C ALA A 78 -11.41 -31.15 -8.09
N SER A 79 -12.63 -31.61 -8.22
CA SER A 79 -12.84 -33.03 -8.44
C SER A 79 -13.79 -33.14 -9.65
N LYS A 80 -13.80 -34.29 -10.29
CA LYS A 80 -14.77 -34.60 -11.38
C LYS A 80 -16.13 -34.91 -10.87
N VAL A 81 -16.73 -33.93 -10.23
CA VAL A 81 -18.05 -34.02 -9.67
C VAL A 81 -18.77 -32.86 -10.32
N ILE A 82 -19.92 -33.11 -10.97
CA ILE A 82 -20.58 -32.07 -11.78
C ILE A 82 -21.94 -31.81 -11.23
N ALA A 83 -22.33 -30.56 -11.13
CA ALA A 83 -23.65 -30.21 -10.76
C ALA A 83 -24.43 -29.86 -12.03
N LEU A 84 -25.59 -30.46 -12.17
CA LEU A 84 -26.46 -30.27 -13.33
C LEU A 84 -27.84 -29.88 -12.88
N LYS A 85 -28.47 -28.96 -13.61
CA LYS A 85 -29.86 -28.63 -13.36
C LYS A 85 -30.72 -28.53 -14.63
N ALA A 86 -32.01 -28.71 -14.44
CA ALA A 86 -33.04 -28.54 -15.44
C ALA A 86 -34.24 -27.96 -14.69
N GLY A 87 -34.50 -26.67 -14.86
CA GLY A 87 -35.55 -26.03 -14.11
C GLY A 87 -35.29 -26.13 -12.63
N LYS A 88 -36.22 -26.73 -11.91
CA LYS A 88 -36.10 -26.83 -10.45
C LYS A 88 -35.32 -28.08 -9.97
N THR A 89 -34.94 -28.95 -10.92
CA THR A 89 -34.30 -30.22 -10.57
C THR A 89 -32.80 -30.05 -10.57
N LEU A 90 -32.15 -30.35 -9.45
CA LEU A 90 -30.70 -30.27 -9.31
C LEU A 90 -30.18 -31.68 -9.04
N GLN A 91 -29.11 -32.06 -9.71
CA GLN A 91 -28.47 -33.35 -9.46
C GLN A 91 -26.99 -33.19 -9.53
N ILE A 92 -26.31 -33.95 -8.67
CA ILE A 92 -24.88 -33.85 -8.52
C ILE A 92 -24.35 -35.22 -8.79
N PHE A 93 -23.38 -35.31 -9.72
CA PHE A 93 -22.81 -36.59 -10.11
C PHE A 93 -21.32 -36.68 -9.92
N ASN A 94 -20.87 -37.78 -9.34
CA ASN A 94 -19.52 -38.13 -9.41
C ASN A 94 -19.34 -38.90 -10.74
N ILE A 95 -18.55 -38.36 -11.66
CA ILE A 95 -18.44 -38.85 -13.01
C ILE A 95 -17.76 -40.16 -13.04
N GLU A 96 -16.62 -40.26 -12.34
CA GLU A 96 -15.85 -41.47 -12.30
C GLU A 96 -16.56 -42.62 -11.64
N MET A 97 -17.33 -42.34 -10.62
CA MET A 97 -18.13 -43.41 -9.97
C MET A 97 -19.46 -43.70 -10.72
N LYS A 98 -19.77 -42.93 -11.77
CA LYS A 98 -21.07 -42.99 -12.48
C LYS A 98 -22.21 -42.94 -11.55
N SER A 99 -22.18 -42.02 -10.61
CA SER A 99 -23.10 -42.10 -9.50
C SER A 99 -23.70 -40.73 -9.18
N LYS A 100 -24.97 -40.78 -8.86
CA LYS A 100 -25.71 -39.63 -8.43
C LYS A 100 -25.56 -39.38 -6.91
N MET A 101 -24.73 -38.44 -6.55
CA MET A 101 -24.36 -38.24 -5.16
C MET A 101 -25.54 -37.62 -4.41
N LYS A 102 -26.18 -36.60 -5.00
CA LYS A 102 -27.17 -35.76 -4.33
C LYS A 102 -28.14 -35.27 -5.38
N ALA A 103 -29.39 -35.10 -4.97
CA ALA A 103 -30.41 -34.51 -5.81
C ALA A 103 -31.31 -33.67 -4.92
N HIS A 104 -31.88 -32.61 -5.51
CA HIS A 104 -32.72 -31.71 -4.81
C HIS A 104 -33.69 -31.07 -5.80
N THR A 105 -34.95 -30.95 -5.42
CA THR A 105 -35.89 -30.22 -6.20
C THR A 105 -36.22 -28.88 -5.53
N MET A 106 -35.88 -27.79 -6.21
CA MET A 106 -36.20 -26.47 -5.72
C MET A 106 -37.67 -26.13 -5.92
N THR A 107 -38.12 -25.03 -5.33
CA THR A 107 -39.45 -24.50 -5.60
C THR A 107 -39.41 -23.21 -6.38
N ASP A 108 -38.23 -22.85 -6.85
CA ASP A 108 -38.05 -21.69 -7.73
C ASP A 108 -36.95 -22.11 -8.74
N ASP A 109 -37.01 -21.56 -9.95
CA ASP A 109 -35.85 -21.71 -10.89
C ASP A 109 -34.61 -21.05 -10.34
N VAL A 110 -33.47 -21.64 -10.66
CA VAL A 110 -32.17 -21.12 -10.30
C VAL A 110 -31.63 -20.35 -11.51
N THR A 111 -31.55 -19.02 -11.40
CA THR A 111 -31.09 -18.20 -12.49
C THR A 111 -29.57 -18.09 -12.56
N PHE A 112 -28.85 -18.46 -11.50
CA PHE A 112 -27.41 -18.48 -11.47
C PHE A 112 -26.93 -19.38 -10.34
N TRP A 113 -25.86 -20.13 -10.56
CA TRP A 113 -25.29 -20.93 -9.52
C TRP A 113 -23.82 -21.08 -9.78
N LYS A 114 -23.10 -21.37 -8.71
CA LYS A 114 -21.65 -21.37 -8.76
C LYS A 114 -21.14 -22.18 -7.59
N TRP A 115 -20.05 -22.90 -7.75
CA TRP A 115 -19.35 -23.48 -6.62
C TRP A 115 -18.60 -22.37 -5.90
N ILE A 116 -18.84 -22.18 -4.60
CA ILE A 116 -18.12 -21.14 -3.82
C ILE A 116 -17.01 -21.68 -3.01
N SER A 117 -16.85 -23.00 -2.92
CA SER A 117 -15.77 -23.61 -2.22
C SER A 117 -15.64 -25.01 -2.80
N LEU A 118 -14.78 -25.81 -2.24
CA LEU A 118 -14.65 -27.23 -2.64
C LEU A 118 -15.88 -28.07 -2.39
N ASN A 119 -16.76 -27.65 -1.49
CA ASN A 119 -17.90 -28.47 -1.19
C ASN A 119 -19.22 -27.78 -1.05
N THR A 120 -19.31 -26.54 -1.50
CA THR A 120 -20.59 -25.80 -1.39
C THR A 120 -20.95 -25.13 -2.70
N VAL A 121 -22.18 -25.32 -3.10
CA VAL A 121 -22.76 -24.68 -4.27
C VAL A 121 -23.68 -23.58 -3.81
N ALA A 122 -23.61 -22.42 -4.45
CA ALA A 122 -24.51 -21.33 -4.16
C ALA A 122 -25.54 -21.26 -5.22
N LEU A 123 -26.78 -21.08 -4.81
CA LEU A 123 -27.92 -20.99 -5.76
C LEU A 123 -28.60 -19.67 -5.63
N VAL A 124 -28.84 -19.01 -6.79
CA VAL A 124 -29.53 -17.76 -6.83
C VAL A 124 -30.81 -17.95 -7.61
N THR A 125 -31.93 -17.62 -6.97
CA THR A 125 -33.19 -17.58 -7.57
C THR A 125 -33.59 -16.13 -7.78
N ASP A 126 -34.78 -15.90 -8.31
CA ASP A 126 -35.24 -14.53 -8.47
C ASP A 126 -35.32 -13.78 -7.14
N ASN A 127 -35.53 -14.51 -6.06
CA ASN A 127 -35.85 -13.93 -4.74
C ASN A 127 -34.76 -14.00 -3.63
N ALA A 128 -33.82 -14.94 -3.73
CA ALA A 128 -32.93 -15.28 -2.63
C ALA A 128 -31.71 -16.02 -3.10
N VAL A 129 -30.77 -16.12 -2.17
CA VAL A 129 -29.54 -16.81 -2.36
C VAL A 129 -29.44 -17.90 -1.30
N TYR A 130 -29.07 -19.07 -1.76
CA TYR A 130 -28.95 -20.28 -0.96
C TYR A 130 -27.56 -20.85 -1.04
N HIS A 131 -27.18 -21.56 0.01
CA HIS A 131 -25.97 -22.38 -0.03
C HIS A 131 -26.35 -23.80 0.15
N TRP A 132 -25.71 -24.69 -0.62
CA TRP A 132 -25.99 -26.13 -0.52
C TRP A 132 -24.68 -26.85 -0.36
N SER A 133 -24.45 -27.39 0.83
CA SER A 133 -23.28 -28.17 1.11
C SER A 133 -23.39 -29.59 0.57
N MET A 134 -22.29 -30.13 0.09
CA MET A 134 -22.25 -31.50 -0.32
C MET A 134 -21.98 -32.50 0.77
N GLU A 135 -21.71 -32.06 1.99
CA GLU A 135 -21.48 -32.96 3.12
C GLU A 135 -22.71 -33.60 3.63
N GLY A 136 -22.69 -34.92 3.82
CA GLY A 136 -23.79 -35.59 4.47
C GLY A 136 -25.09 -35.44 3.71
N GLU A 137 -26.18 -35.32 4.44
CA GLU A 137 -27.47 -35.15 3.83
C GLU A 137 -27.98 -33.69 3.72
N SER A 138 -27.15 -32.71 3.77
CA SER A 138 -27.59 -31.34 3.66
C SER A 138 -28.50 -31.03 2.49
N GLN A 139 -29.49 -30.15 2.75
CA GLN A 139 -30.27 -29.47 1.77
C GLN A 139 -29.92 -28.00 1.72
N PRO A 140 -30.35 -27.33 0.65
CA PRO A 140 -30.04 -25.90 0.59
C PRO A 140 -30.58 -25.12 1.77
N VAL A 141 -29.79 -24.15 2.19
CA VAL A 141 -30.09 -23.25 3.30
C VAL A 141 -30.10 -21.79 2.75
N LYS A 142 -31.14 -21.04 3.05
CA LYS A 142 -31.27 -19.71 2.56
C LYS A 142 -30.28 -18.84 3.34
N MET A 143 -29.47 -18.08 2.62
CA MET A 143 -28.51 -17.13 3.19
C MET A 143 -29.09 -15.73 3.42
N PHE A 144 -29.76 -15.23 2.37
CA PHE A 144 -30.46 -13.93 2.44
C PHE A 144 -31.46 -13.78 1.30
N ASP A 145 -32.37 -12.84 1.48
CA ASP A 145 -33.29 -12.44 0.41
C ASP A 145 -32.65 -11.37 -0.43
N ARG A 146 -32.90 -11.43 -1.74
CA ARG A 146 -32.29 -10.45 -2.66
C ARG A 146 -32.83 -9.07 -2.41
N HIS A 147 -31.98 -8.06 -2.56
CA HIS A 147 -32.39 -6.69 -2.38
C HIS A 147 -33.10 -6.21 -3.68
N SER A 148 -34.05 -5.31 -3.56
CA SER A 148 -34.87 -4.84 -4.67
C SER A 148 -34.04 -4.10 -5.75
N SER A 149 -32.89 -3.56 -5.35
CA SER A 149 -31.97 -2.89 -6.28
C SER A 149 -31.40 -3.87 -7.33
N LEU A 150 -31.49 -5.16 -7.13
CA LEU A 150 -31.05 -6.16 -8.16
C LEU A 150 -32.23 -6.71 -8.97
N ALA A 151 -33.42 -6.19 -8.76
CA ALA A 151 -34.58 -6.80 -9.35
C ALA A 151 -34.45 -6.55 -10.85
N GLY A 152 -34.63 -7.56 -11.66
CA GLY A 152 -34.57 -7.25 -13.12
C GLY A 152 -33.13 -7.38 -13.68
N CYS A 153 -32.13 -7.56 -12.82
CA CYS A 153 -30.74 -7.65 -13.27
C CYS A 153 -30.45 -9.05 -13.82
N GLN A 154 -29.56 -9.10 -14.78
CA GLN A 154 -28.85 -10.34 -15.04
C GLN A 154 -27.83 -10.61 -13.99
N ILE A 155 -27.92 -11.75 -13.30
CA ILE A 155 -26.99 -12.09 -12.28
C ILE A 155 -25.72 -12.66 -12.96
N ILE A 156 -24.56 -12.07 -12.61
CA ILE A 156 -23.34 -12.43 -13.29
C ILE A 156 -22.29 -12.97 -12.36
N ASN A 157 -22.45 -12.77 -11.07
CA ASN A 157 -21.51 -13.33 -10.18
C ASN A 157 -22.08 -13.42 -8.77
N TYR A 158 -21.42 -14.28 -8.00
CA TYR A 158 -21.67 -14.47 -6.56
C TYR A 158 -20.37 -14.91 -5.96
N ARG A 159 -19.96 -14.23 -4.90
CA ARG A 159 -18.81 -14.73 -4.18
C ARG A 159 -18.80 -14.38 -2.72
N THR A 160 -17.90 -15.04 -1.99
CA THR A 160 -17.78 -14.82 -0.57
C THR A 160 -16.37 -14.63 -0.11
N ASP A 161 -16.28 -14.20 1.15
CA ASP A 161 -14.99 -14.16 1.79
C ASP A 161 -14.63 -15.56 2.20
N ALA A 162 -13.42 -15.73 2.70
CA ALA A 162 -12.89 -17.06 3.04
C ALA A 162 -13.73 -17.73 4.10
N LYS A 163 -14.25 -16.99 5.08
CA LYS A 163 -15.04 -17.64 6.12
C LYS A 163 -16.52 -17.70 5.85
N GLN A 164 -16.94 -17.29 4.67
CA GLN A 164 -18.36 -17.25 4.30
C GLN A 164 -19.23 -16.46 5.28
N LYS A 165 -18.72 -15.32 5.74
CA LYS A 165 -19.47 -14.40 6.61
C LYS A 165 -19.92 -13.12 5.85
N TRP A 166 -19.33 -12.91 4.69
CA TRP A 166 -19.57 -11.77 3.83
C TRP A 166 -19.82 -12.34 2.42
N LEU A 167 -21.01 -12.02 1.91
CA LEU A 167 -21.54 -12.62 0.71
C LEU A 167 -21.86 -11.49 -0.26
N LEU A 168 -21.54 -11.68 -1.53
CA LEU A 168 -21.69 -10.60 -2.51
C LEU A 168 -22.34 -11.13 -3.78
N LEU A 169 -23.54 -10.67 -4.02
CA LEU A 169 -24.26 -10.96 -5.27
C LEU A 169 -24.14 -9.78 -6.25
N THR A 170 -23.83 -10.06 -7.52
CA THR A 170 -23.69 -9.05 -8.55
C THR A 170 -24.58 -9.27 -9.74
N GLY A 171 -25.32 -8.21 -10.05
CA GLY A 171 -26.17 -8.12 -11.27
C GLY A 171 -25.88 -6.94 -12.15
N ILE A 172 -26.27 -7.01 -13.44
CA ILE A 172 -26.16 -5.86 -14.35
C ILE A 172 -27.45 -5.66 -15.11
N SER A 173 -27.71 -4.44 -15.54
CA SER A 173 -28.83 -4.11 -16.43
C SER A 173 -28.48 -2.85 -17.17
N ALA A 174 -29.34 -2.40 -18.07
CA ALA A 174 -29.09 -1.16 -18.79
C ALA A 174 -29.88 -0.01 -18.12
N GLN A 175 -29.24 1.10 -17.80
CA GLN A 175 -29.95 2.28 -17.28
C GLN A 175 -29.26 3.41 -18.00
N GLN A 176 -30.02 4.25 -18.65
CA GLN A 176 -29.49 5.40 -19.37
C GLN A 176 -28.42 5.00 -20.39
N ASN A 177 -28.68 3.92 -21.12
CA ASN A 177 -27.79 3.46 -22.15
C ASN A 177 -26.38 3.15 -21.69
N ARG A 178 -26.24 2.66 -20.49
CA ARG A 178 -25.01 2.06 -20.10
C ARG A 178 -25.29 0.86 -19.23
N VAL A 179 -24.31 0.00 -19.12
CA VAL A 179 -24.42 -1.14 -18.28
C VAL A 179 -24.09 -0.75 -16.83
N VAL A 180 -25.09 -0.85 -15.99
CA VAL A 180 -24.97 -0.45 -14.62
C VAL A 180 -24.91 -1.70 -13.73
N GLY A 181 -23.88 -1.77 -12.87
CA GLY A 181 -23.80 -2.86 -11.90
C GLY A 181 -24.49 -2.52 -10.59
N ALA A 182 -25.14 -3.54 -10.07
CA ALA A 182 -25.82 -3.53 -8.77
C ALA A 182 -25.35 -4.73 -7.98
N MET A 183 -24.75 -4.40 -6.83
CA MET A 183 -24.27 -5.39 -5.91
C MET A 183 -25.06 -5.39 -4.63
N GLN A 184 -25.14 -6.58 -4.03
CA GLN A 184 -25.71 -6.75 -2.71
C GLN A 184 -24.68 -7.41 -1.81
N LEU A 185 -24.14 -6.64 -0.88
CA LEU A 185 -23.22 -7.13 0.13
C LEU A 185 -24.04 -7.53 1.34
N TYR A 186 -23.92 -8.78 1.76
CA TYR A 186 -24.63 -9.29 2.93
C TYR A 186 -23.68 -9.76 4.03
N SER A 187 -23.94 -9.29 5.24
CA SER A 187 -23.23 -9.76 6.48
C SER A 187 -24.04 -10.85 7.15
N VAL A 188 -23.49 -12.04 7.14
CA VAL A 188 -24.11 -13.18 7.81
C VAL A 188 -24.22 -12.91 9.31
N ASP A 189 -23.23 -12.30 9.92
CA ASP A 189 -23.34 -12.05 11.38
C ASP A 189 -24.31 -10.95 11.75
N ARG A 190 -24.39 -9.89 10.97
CA ARG A 190 -25.28 -8.78 11.30
C ARG A 190 -26.66 -8.89 10.69
N LYS A 191 -26.77 -9.80 9.73
CA LYS A 191 -28.04 -10.06 8.99
C LYS A 191 -28.56 -8.77 8.33
N VAL A 192 -27.67 -8.08 7.67
CA VAL A 192 -27.94 -6.82 7.08
C VAL A 192 -27.30 -6.86 5.66
N SER A 193 -28.00 -6.24 4.70
CA SER A 193 -27.49 -6.04 3.35
C SER A 193 -27.17 -4.61 3.08
N GLN A 194 -26.18 -4.38 2.27
CA GLN A 194 -25.85 -3.07 1.78
C GLN A 194 -25.79 -3.10 0.27
N PRO A 195 -26.64 -2.30 -0.37
CA PRO A 195 -26.60 -2.18 -1.82
C PRO A 195 -25.49 -1.29 -2.23
N ILE A 196 -24.75 -1.69 -3.24
CA ILE A 196 -23.62 -0.97 -3.72
C ILE A 196 -23.61 -0.94 -5.27
N GLU A 197 -23.33 0.20 -5.90
CA GLU A 197 -23.10 0.25 -7.34
C GLU A 197 -21.71 -0.28 -7.65
N GLY A 198 -21.66 -1.41 -8.29
CA GLY A 198 -20.39 -2.03 -8.66
C GLY A 198 -20.51 -3.05 -9.73
N HIS A 199 -19.41 -3.27 -10.49
CA HIS A 199 -19.35 -4.17 -11.62
C HIS A 199 -18.64 -5.49 -11.43
N ALA A 200 -17.54 -5.49 -10.71
CA ALA A 200 -16.79 -6.66 -10.43
C ALA A 200 -16.10 -6.49 -9.05
N ALA A 201 -15.94 -7.60 -8.35
CA ALA A 201 -15.43 -7.56 -7.00
C ALA A 201 -14.81 -8.89 -6.58
N SER A 202 -14.06 -8.81 -5.49
CA SER A 202 -13.49 -9.97 -4.80
C SER A 202 -13.18 -9.62 -3.33
N PHE A 203 -13.21 -10.65 -2.48
CA PHE A 203 -12.69 -10.55 -1.16
C PHE A 203 -11.23 -10.97 -1.12
N ALA A 204 -10.52 -10.56 -0.07
CA ALA A 204 -9.17 -11.08 0.14
C ALA A 204 -8.80 -11.01 1.61
N GLN A 205 -7.92 -11.90 2.04
CA GLN A 205 -7.26 -11.83 3.33
C GLN A 205 -5.94 -11.10 3.22
N PHE A 206 -5.68 -10.18 4.14
CA PHE A 206 -4.50 -9.40 4.06
C PHE A 206 -4.04 -9.07 5.44
N LYS A 207 -2.80 -9.44 5.77
CA LYS A 207 -2.27 -9.13 7.08
C LYS A 207 -1.37 -7.87 7.08
N MET A 208 -1.85 -6.81 7.70
CA MET A 208 -1.17 -5.59 7.83
C MET A 208 0.06 -5.72 8.80
N GLU A 209 1.15 -5.04 8.42
CA GLU A 209 2.30 -4.88 9.33
C GLU A 209 1.94 -4.26 10.71
N GLY A 210 2.43 -4.88 11.78
CA GLY A 210 1.91 -4.57 13.16
C GLY A 210 0.53 -5.14 13.59
N ASN A 211 -0.14 -5.91 12.73
CA ASN A 211 -1.41 -6.67 13.09
C ASN A 211 -1.25 -8.17 13.21
N ALA A 212 -1.80 -8.69 14.28
CA ALA A 212 -1.60 -10.05 14.65
C ALA A 212 -2.50 -10.91 13.83
N GLU A 213 -3.64 -10.39 13.38
CA GLU A 213 -4.53 -11.13 12.59
C GLU A 213 -4.71 -10.53 11.20
N GLU A 214 -5.08 -11.38 10.26
CA GLU A 214 -5.47 -10.99 8.94
C GLU A 214 -6.68 -10.11 8.99
N SER A 215 -6.73 -9.17 8.07
CA SER A 215 -7.93 -8.41 7.74
C SER A 215 -8.69 -9.06 6.62
N THR A 216 -10.00 -8.97 6.68
CA THR A 216 -10.84 -9.31 5.54
C THR A 216 -11.19 -8.05 4.72
N LEU A 217 -10.68 -8.02 3.51
CA LEU A 217 -10.86 -6.90 2.64
C LEU A 217 -11.83 -7.25 1.52
N PHE A 218 -12.62 -6.25 1.19
CA PHE A 218 -13.55 -6.27 0.08
C PHE A 218 -13.05 -5.28 -0.94
N CYS A 219 -12.82 -5.75 -2.16
CA CYS A 219 -12.35 -4.91 -3.26
C CYS A 219 -13.38 -4.89 -4.40
N PHE A 220 -13.81 -3.71 -4.85
CA PHE A 220 -14.74 -3.67 -5.98
C PHE A 220 -14.39 -2.57 -6.91
N ALA A 221 -14.66 -2.83 -8.17
CA ALA A 221 -14.49 -1.89 -9.22
C ALA A 221 -15.84 -1.57 -9.84
N VAL A 222 -15.97 -0.33 -10.24
CA VAL A 222 -17.17 0.19 -10.83
C VAL A 222 -16.83 1.21 -11.87
N ARG A 223 -17.56 1.19 -12.99
CA ARG A 223 -17.67 2.36 -13.85
C ARG A 223 -19.02 3.03 -13.55
N GLY A 224 -18.95 4.11 -12.81
CA GLY A 224 -20.13 4.85 -12.48
C GLY A 224 -20.35 6.04 -13.38
N GLN A 225 -21.29 6.84 -12.97
CA GLN A 225 -21.69 8.02 -13.72
C GLN A 225 -20.45 8.97 -13.72
N ALA A 226 -19.77 9.02 -12.55
CA ALA A 226 -18.53 9.81 -12.31
C ALA A 226 -17.30 9.31 -13.08
N GLY A 227 -17.20 7.99 -13.28
CA GLY A 227 -16.06 7.41 -13.98
C GLY A 227 -15.72 6.10 -13.32
N GLY A 228 -14.57 5.56 -13.63
CA GLY A 228 -14.21 4.26 -13.08
C GLY A 228 -13.57 4.50 -11.73
N LYS A 229 -13.89 3.65 -10.77
CA LYS A 229 -13.32 3.68 -9.45
C LYS A 229 -13.10 2.28 -8.93
N LEU A 230 -12.04 2.12 -8.18
CA LEU A 230 -11.75 0.90 -7.45
C LEU A 230 -11.59 1.19 -5.97
N HIS A 231 -12.21 0.36 -5.15
CA HIS A 231 -12.27 0.59 -3.73
C HIS A 231 -11.75 -0.65 -3.07
N ILE A 232 -11.07 -0.45 -1.95
CA ILE A 232 -10.57 -1.56 -1.15
C ILE A 232 -10.84 -1.19 0.29
N ILE A 233 -11.67 -1.96 0.96
CA ILE A 233 -12.22 -1.61 2.24
C ILE A 233 -12.25 -2.84 3.09
N GLU A 234 -12.00 -2.67 4.36
CA GLU A 234 -12.12 -3.76 5.29
C GLU A 234 -13.61 -3.92 5.66
N VAL A 235 -14.04 -5.14 5.71
CA VAL A 235 -15.38 -5.41 6.14
C VAL A 235 -15.35 -6.02 7.52
N GLY A 236 -16.26 -5.57 8.35
CA GLY A 236 -16.38 -6.11 9.70
C GLY A 236 -15.59 -5.25 10.69
N THR A 237 -15.64 -5.65 11.93
CA THR A 237 -14.88 -5.04 12.96
C THR A 237 -13.53 -5.66 12.89
N PRO A 238 -12.49 -4.84 13.00
CA PRO A 238 -11.22 -5.54 12.93
C PRO A 238 -11.14 -6.62 14.01
N PRO A 239 -10.44 -7.71 13.74
CA PRO A 239 -10.10 -8.56 14.90
C PRO A 239 -9.56 -7.73 16.09
N THR A 240 -9.70 -8.24 17.31
CA THR A 240 -9.33 -7.51 18.49
C THR A 240 -7.83 -7.37 18.48
N GLY A 241 -7.32 -6.21 18.83
CA GLY A 241 -5.88 -5.97 18.74
C GLY A 241 -5.38 -5.54 17.37
N ASN A 242 -6.22 -5.57 16.34
CA ASN A 242 -5.78 -5.08 15.00
C ASN A 242 -5.99 -3.60 14.77
N GLN A 243 -5.09 -2.95 14.06
CA GLN A 243 -5.41 -1.64 13.47
C GLN A 243 -6.38 -1.89 12.33
N PRO A 244 -7.31 -0.93 12.09
CA PRO A 244 -8.20 -1.01 10.93
C PRO A 244 -7.43 -0.75 9.67
N PHE A 245 -7.81 -1.40 8.60
CA PHE A 245 -7.20 -1.16 7.34
C PHE A 245 -7.76 0.15 6.81
N PRO A 246 -6.90 1.08 6.42
CA PRO A 246 -7.41 2.35 5.86
C PRO A 246 -7.99 2.13 4.47
N LYS A 247 -9.24 2.52 4.26
CA LYS A 247 -9.81 2.30 2.98
C LYS A 247 -9.17 3.07 1.88
N LYS A 248 -9.13 2.46 0.70
CA LYS A 248 -8.53 3.04 -0.46
C LYS A 248 -9.56 3.20 -1.57
N ALA A 249 -9.36 4.25 -2.35
CA ALA A 249 -10.19 4.52 -3.52
C ALA A 249 -9.29 5.11 -4.57
N VAL A 250 -9.27 4.51 -5.75
CA VAL A 250 -8.47 5.01 -6.86
C VAL A 250 -9.27 4.99 -8.16
N ASP A 251 -8.80 5.76 -9.15
CA ASP A 251 -9.42 5.75 -10.46
C ASP A 251 -9.19 4.45 -11.22
N VAL A 252 -10.20 4.05 -11.99
CA VAL A 252 -10.03 3.00 -12.95
C VAL A 252 -10.14 3.67 -14.31
N PHE A 253 -9.06 3.61 -15.08
CA PHE A 253 -8.98 4.27 -16.36
C PHE A 253 -9.68 3.50 -17.50
N PHE A 254 -10.41 4.25 -18.34
CA PHE A 254 -10.97 3.80 -19.62
C PHE A 254 -10.63 4.78 -20.69
N PRO A 255 -9.94 4.33 -21.73
CA PRO A 255 -9.55 5.21 -22.81
C PRO A 255 -10.78 5.72 -23.55
N PRO A 256 -10.65 6.85 -24.25
CA PRO A 256 -11.80 7.48 -24.90
C PRO A 256 -12.59 6.49 -25.85
N GLU A 257 -11.87 5.58 -26.50
CA GLU A 257 -12.45 4.68 -27.47
C GLU A 257 -13.11 3.50 -26.85
N ALA A 258 -13.01 3.37 -25.53
CA ALA A 258 -13.59 2.29 -24.78
C ALA A 258 -14.68 2.88 -23.90
N GLN A 259 -15.49 3.70 -24.53
CA GLN A 259 -16.49 4.47 -23.86
C GLN A 259 -17.62 3.60 -23.31
N ASN A 260 -17.77 2.38 -23.81
CA ASN A 260 -18.79 1.45 -23.33
C ASN A 260 -18.29 0.23 -22.57
N ASP A 261 -17.01 0.26 -22.26
CA ASP A 261 -16.37 -0.85 -21.51
C ASP A 261 -16.69 -0.68 -20.05
N PHE A 262 -16.59 -1.76 -19.32
CA PHE A 262 -16.79 -1.75 -17.87
C PHE A 262 -16.06 -2.97 -17.30
N PRO A 263 -15.82 -2.98 -15.97
CA PRO A 263 -15.13 -4.13 -15.36
C PRO A 263 -16.01 -5.37 -15.36
N VAL A 264 -15.50 -6.54 -15.78
CA VAL A 264 -16.27 -7.80 -15.69
C VAL A 264 -15.68 -8.89 -14.82
N ALA A 265 -14.41 -8.80 -14.44
CA ALA A 265 -13.84 -9.82 -13.61
C ALA A 265 -12.75 -9.27 -12.71
N MET A 266 -12.65 -9.88 -11.57
CA MET A 266 -11.62 -9.59 -10.62
C MET A 266 -11.13 -10.89 -10.00
N GLN A 267 -9.79 -11.06 -9.91
CA GLN A 267 -9.22 -12.03 -9.00
C GLN A 267 -8.09 -11.36 -8.25
N ILE A 268 -7.85 -11.80 -7.02
CA ILE A 268 -6.81 -11.17 -6.22
C ILE A 268 -5.73 -12.21 -5.91
N SER A 269 -4.48 -11.92 -6.17
CA SER A 269 -3.41 -12.81 -5.69
C SER A 269 -3.02 -12.47 -4.25
N GLU A 270 -3.19 -13.39 -3.32
CA GLU A 270 -2.72 -13.21 -1.96
C GLU A 270 -1.26 -13.64 -1.82
N LYS A 271 -0.68 -14.24 -2.87
CA LYS A 271 0.74 -14.47 -2.93
C LYS A 271 1.51 -13.17 -3.18
N HIS A 272 0.95 -12.31 -3.99
CA HIS A 272 1.60 -11.05 -4.34
C HIS A 272 0.89 -9.78 -3.85
N ASP A 273 -0.29 -9.96 -3.28
CA ASP A 273 -1.16 -8.86 -2.86
C ASP A 273 -1.39 -7.86 -4.01
N VAL A 274 -1.91 -8.41 -5.07
CA VAL A 274 -2.17 -7.71 -6.29
C VAL A 274 -3.59 -8.04 -6.74
N VAL A 275 -4.29 -7.02 -7.25
CA VAL A 275 -5.65 -7.19 -7.76
C VAL A 275 -5.56 -7.22 -9.30
N PHE A 276 -6.11 -8.28 -9.93
CA PHE A 276 -6.24 -8.36 -11.37
C PHE A 276 -7.67 -7.98 -11.73
N LEU A 277 -7.81 -7.07 -12.65
CA LEU A 277 -9.12 -6.60 -13.13
C LEU A 277 -9.17 -6.76 -14.65
N ILE A 278 -10.21 -7.41 -15.16
CA ILE A 278 -10.42 -7.53 -16.58
C ILE A 278 -11.70 -6.83 -16.94
N THR A 279 -11.64 -6.05 -18.00
CA THR A 279 -12.81 -5.39 -18.53
C THR A 279 -13.48 -6.27 -19.60
N LYS A 280 -14.75 -5.98 -19.81
CA LYS A 280 -15.64 -6.68 -20.77
C LYS A 280 -14.94 -6.78 -22.12
N TYR A 281 -14.36 -5.68 -22.55
CA TYR A 281 -13.63 -5.63 -23.86
C TYR A 281 -12.10 -5.96 -23.88
N GLY A 282 -11.65 -6.64 -22.84
CA GLY A 282 -10.37 -7.35 -22.87
C GLY A 282 -9.18 -6.60 -22.29
N TYR A 283 -9.38 -5.55 -21.52
CA TYR A 283 -8.27 -4.79 -20.93
C TYR A 283 -7.95 -5.50 -19.62
N ILE A 284 -6.66 -5.57 -19.32
CA ILE A 284 -6.18 -6.08 -18.04
C ILE A 284 -5.55 -4.91 -17.23
N HIS A 285 -5.91 -4.84 -15.95
CA HIS A 285 -5.33 -3.89 -15.00
C HIS A 285 -4.79 -4.68 -13.80
N LEU A 286 -3.67 -4.24 -13.24
CA LEU A 286 -3.17 -4.72 -11.99
C LEU A 286 -3.09 -3.56 -11.06
N TYR A 287 -3.56 -3.80 -9.86
CA TYR A 287 -3.48 -2.81 -8.79
C TYR A 287 -2.81 -3.44 -7.59
N ASP A 288 -2.07 -2.65 -6.81
CA ASP A 288 -1.62 -3.08 -5.51
C ASP A 288 -2.78 -3.16 -4.53
N LEU A 289 -2.90 -4.28 -3.87
CA LEU A 289 -4.01 -4.50 -2.94
C LEU A 289 -3.92 -3.58 -1.72
N GLU A 290 -2.71 -3.26 -1.28
CA GLU A 290 -2.57 -2.57 -0.06
C GLU A 290 -2.89 -1.08 -0.22
N THR A 291 -2.39 -0.47 -1.31
CA THR A 291 -2.51 0.96 -1.54
C THR A 291 -3.51 1.30 -2.65
N GLY A 292 -3.88 0.32 -3.45
CA GLY A 292 -4.67 0.62 -4.60
C GLY A 292 -3.89 1.18 -5.78
N THR A 293 -2.58 1.35 -5.68
CA THR A 293 -1.84 1.93 -6.77
C THR A 293 -1.99 1.07 -8.03
N CYS A 294 -2.30 1.71 -9.16
CA CYS A 294 -2.39 1.04 -10.42
C CYS A 294 -0.98 0.73 -10.90
N ILE A 295 -0.68 -0.54 -11.10
CA ILE A 295 0.67 -0.97 -11.52
C ILE A 295 0.86 -1.03 -13.04
N TYR A 296 -0.19 -1.43 -13.77
CA TYR A 296 -0.09 -1.81 -15.19
C TYR A 296 -1.48 -1.89 -15.79
N MET A 297 -1.62 -1.42 -17.01
CA MET A 297 -2.79 -1.66 -17.81
C MET A 297 -2.36 -1.99 -19.21
N ASN A 298 -3.08 -2.87 -19.87
CA ASN A 298 -2.86 -3.11 -21.28
C ASN A 298 -4.09 -3.85 -21.76
N ARG A 299 -4.05 -4.33 -22.96
CA ARG A 299 -5.14 -5.13 -23.48
C ARG A 299 -4.68 -6.54 -23.80
N ILE A 300 -5.37 -7.55 -23.31
CA ILE A 300 -4.96 -8.93 -23.55
C ILE A 300 -5.87 -9.71 -24.48
N SER A 301 -7.05 -9.16 -24.77
CA SER A 301 -8.01 -9.82 -25.65
C SER A 301 -8.79 -8.81 -26.51
N GLY A 302 -8.94 -9.18 -27.78
CA GLY A 302 -9.75 -8.41 -28.72
C GLY A 302 -11.19 -8.87 -28.63
N GLU A 303 -11.45 -10.00 -28.02
CA GLU A 303 -12.79 -10.52 -27.88
C GLU A 303 -13.17 -10.38 -26.41
N THR A 304 -14.45 -10.27 -26.14
CA THR A 304 -14.93 -10.11 -24.81
C THR A 304 -14.64 -11.39 -23.99
N ILE A 305 -14.39 -11.18 -22.71
CA ILE A 305 -14.02 -12.21 -21.82
C ILE A 305 -15.22 -12.34 -20.91
N PHE A 306 -15.73 -13.56 -20.77
CA PHE A 306 -16.97 -13.70 -20.06
C PHE A 306 -16.89 -14.58 -18.84
N VAL A 307 -15.78 -15.25 -18.61
CA VAL A 307 -15.62 -16.12 -17.41
C VAL A 307 -14.12 -16.17 -17.05
N THR A 308 -13.85 -16.10 -15.75
CA THR A 308 -12.50 -16.20 -15.19
C THR A 308 -12.48 -17.05 -13.91
N ALA A 309 -11.30 -17.47 -13.51
CA ALA A 309 -11.05 -18.17 -12.28
C ALA A 309 -9.64 -17.76 -11.81
N PRO A 310 -9.32 -18.06 -10.55
CA PRO A 310 -7.97 -18.00 -10.12
C PRO A 310 -7.14 -19.01 -10.89
N HIS A 311 -5.95 -18.59 -11.27
CA HIS A 311 -4.97 -19.47 -11.84
C HIS A 311 -4.02 -19.84 -10.73
N GLU A 312 -4.21 -21.02 -10.20
CA GLU A 312 -3.66 -21.39 -8.91
C GLU A 312 -2.18 -21.51 -8.96
N ALA A 313 -1.64 -22.08 -10.02
CA ALA A 313 -0.23 -22.32 -10.04
C ALA A 313 0.58 -21.04 -9.97
N THR A 314 0.07 -19.94 -10.47
CA THR A 314 0.86 -18.72 -10.63
C THR A 314 0.25 -17.62 -9.81
N ALA A 315 -0.81 -17.96 -9.09
CA ALA A 315 -1.64 -17.02 -8.38
C ALA A 315 -2.06 -15.85 -9.28
N GLY A 316 -2.50 -16.17 -10.49
CA GLY A 316 -2.95 -15.24 -11.45
C GLY A 316 -4.42 -15.39 -11.76
N ILE A 317 -4.77 -15.01 -12.95
CA ILE A 317 -6.15 -15.04 -13.38
C ILE A 317 -6.18 -15.74 -14.73
N ILE A 318 -7.16 -16.62 -14.90
CA ILE A 318 -7.33 -17.36 -16.17
C ILE A 318 -8.71 -17.09 -16.64
N GLY A 319 -8.90 -17.03 -17.95
CA GLY A 319 -10.24 -16.74 -18.50
C GLY A 319 -10.46 -17.24 -19.88
N VAL A 320 -11.72 -17.22 -20.31
CA VAL A 320 -12.08 -17.60 -21.69
C VAL A 320 -12.76 -16.43 -22.39
N ASN A 321 -12.36 -16.18 -23.62
CA ASN A 321 -13.00 -15.19 -24.46
C ASN A 321 -13.91 -15.83 -25.47
N ARG A 322 -14.66 -15.00 -26.22
CA ARG A 322 -15.74 -15.51 -27.05
C ARG A 322 -15.25 -16.26 -28.25
N LYS A 323 -13.99 -16.07 -28.59
CA LYS A 323 -13.33 -16.84 -29.64
C LYS A 323 -12.98 -18.29 -29.17
N GLY A 324 -12.90 -18.46 -27.86
CA GLY A 324 -12.51 -19.68 -27.22
C GLY A 324 -11.04 -19.77 -26.89
N GLN A 325 -10.35 -18.64 -26.90
CA GLN A 325 -9.01 -18.62 -26.32
C GLN A 325 -9.08 -18.73 -24.81
N VAL A 326 -8.26 -19.59 -24.26
CA VAL A 326 -8.11 -19.70 -22.82
C VAL A 326 -6.81 -18.98 -22.46
N LEU A 327 -6.94 -17.89 -21.75
CA LEU A 327 -5.84 -16.95 -21.51
C LEU A 327 -5.61 -16.72 -20.02
N SER A 328 -4.35 -16.52 -19.69
CA SER A 328 -4.00 -16.22 -18.30
C SER A 328 -3.02 -15.10 -18.19
N VAL A 329 -3.09 -14.40 -17.04
CA VAL A 329 -2.17 -13.32 -16.68
C VAL A 329 -1.75 -13.52 -15.24
N CYS A 330 -0.45 -13.38 -14.98
CA CYS A 330 0.03 -13.44 -13.61
C CYS A 330 1.21 -12.42 -13.47
N VAL A 331 1.60 -12.19 -12.22
CA VAL A 331 2.78 -11.43 -11.92
C VAL A 331 4.01 -12.16 -12.49
N GLU A 332 4.85 -11.43 -13.24
CA GLU A 332 6.15 -11.89 -13.63
C GLU A 332 7.09 -11.49 -12.50
N GLU A 333 7.47 -12.48 -11.71
CA GLU A 333 8.17 -12.25 -10.45
C GLU A 333 9.54 -11.65 -10.56
N GLU A 334 10.22 -11.80 -11.68
CA GLU A 334 11.53 -11.23 -11.75
C GLU A 334 11.51 -9.87 -12.43
N ASN A 335 10.36 -9.44 -12.96
CA ASN A 335 10.22 -8.14 -13.58
C ASN A 335 9.37 -7.12 -12.85
N ILE A 336 8.49 -7.57 -11.98
CA ILE A 336 7.54 -6.64 -11.44
C ILE A 336 8.22 -5.52 -10.63
N ILE A 337 9.28 -5.83 -9.88
CA ILE A 337 9.89 -4.80 -9.04
C ILE A 337 10.68 -3.80 -9.87
N PRO A 338 11.57 -4.26 -10.75
CA PRO A 338 12.24 -3.23 -11.55
C PRO A 338 11.29 -2.46 -12.48
N TYR A 339 10.17 -3.04 -12.87
CA TYR A 339 9.17 -2.31 -13.62
C TYR A 339 8.61 -1.16 -12.83
N ILE A 340 8.18 -1.47 -11.62
CA ILE A 340 7.68 -0.44 -10.73
C ILE A 340 8.73 0.67 -10.37
N THR A 341 9.98 0.27 -10.16
CA THR A 341 11.05 1.23 -9.87
C THR A 341 11.31 2.12 -11.08
N ASN A 342 11.44 1.51 -12.25
CA ASN A 342 11.98 2.21 -13.43
C ASN A 342 10.95 2.75 -14.42
N VAL A 343 9.89 2.01 -14.70
CA VAL A 343 8.89 2.48 -15.60
C VAL A 343 7.91 3.31 -14.81
N LEU A 344 7.44 2.86 -13.66
CA LEU A 344 6.47 3.69 -12.91
C LEU A 344 7.13 4.74 -12.11
N GLN A 345 8.43 4.60 -11.99
CA GLN A 345 9.20 5.47 -11.13
C GLN A 345 8.62 5.64 -9.77
N ASN A 346 8.35 4.50 -9.15
CA ASN A 346 7.83 4.48 -7.82
C ASN A 346 8.64 3.54 -6.96
N PRO A 347 9.81 3.98 -6.58
CA PRO A 347 10.63 3.18 -5.71
C PRO A 347 9.81 2.74 -4.39
N ASP A 348 8.98 3.62 -3.85
CA ASP A 348 8.39 3.36 -2.56
C ASP A 348 7.60 2.13 -2.65
N LEU A 349 6.76 2.03 -3.68
CA LEU A 349 6.03 0.87 -3.87
C LEU A 349 6.91 -0.34 -4.22
N ALA A 350 7.97 -0.10 -4.96
CA ALA A 350 8.79 -1.17 -5.43
C ALA A 350 9.42 -1.86 -4.27
N LEU A 351 9.93 -1.05 -3.35
CA LEU A 351 10.62 -1.54 -2.15
C LEU A 351 9.63 -2.29 -1.25
N ARG A 352 8.44 -1.71 -1.09
CA ARG A 352 7.44 -2.33 -0.22
C ARG A 352 7.04 -3.70 -0.75
N MET A 353 6.73 -3.78 -2.04
CA MET A 353 6.30 -5.05 -2.57
C MET A 353 7.41 -6.10 -2.51
N ALA A 354 8.62 -5.64 -2.74
CA ALA A 354 9.78 -6.52 -2.73
C ALA A 354 9.89 -7.23 -1.38
N VAL A 355 9.83 -6.51 -0.26
CA VAL A 355 9.99 -7.15 1.02
C VAL A 355 8.67 -7.77 1.45
N ARG A 356 7.54 -7.17 1.12
CA ARG A 356 6.28 -7.73 1.50
C ARG A 356 6.02 -9.13 0.87
N ASN A 357 6.33 -9.30 -0.40
CA ASN A 357 6.03 -10.55 -1.05
C ASN A 357 7.30 -11.30 -1.44
N ASN A 358 8.43 -10.93 -0.89
CA ASN A 358 9.65 -11.67 -1.16
C ASN A 358 10.04 -11.80 -2.63
N LEU A 359 10.12 -10.66 -3.32
CA LEU A 359 10.44 -10.60 -4.72
C LEU A 359 11.71 -9.91 -4.91
N ALA A 360 12.44 -10.29 -5.96
CA ALA A 360 13.77 -9.80 -6.21
C ALA A 360 13.68 -8.49 -6.99
N GLY A 361 14.66 -7.64 -6.86
CA GLY A 361 14.80 -6.47 -7.73
C GLY A 361 14.89 -5.10 -7.08
N ALA A 362 14.65 -5.05 -5.77
CA ALA A 362 14.74 -3.78 -5.05
C ALA A 362 16.09 -3.59 -4.34
N GLU A 363 17.10 -4.34 -4.82
CA GLU A 363 18.52 -4.20 -4.42
C GLU A 363 19.03 -2.92 -5.00
N GLU A 364 18.46 -2.48 -6.11
CA GLU A 364 18.75 -1.15 -6.61
C GLU A 364 17.52 -0.40 -7.05
N LEU A 365 17.43 0.83 -6.55
CA LEU A 365 16.24 1.64 -6.65
C LEU A 365 16.55 3.00 -7.31
N ILE B 6 -1.49 8.17 33.02
CA ILE B 6 -0.80 9.44 32.58
C ILE B 6 0.36 9.09 31.68
N LEU B 7 0.55 9.85 30.65
CA LEU B 7 1.48 9.45 29.65
C LEU B 7 2.60 10.44 29.73
N PRO B 8 3.82 10.00 29.42
CA PRO B 8 4.92 10.92 29.44
C PRO B 8 4.95 11.79 28.19
N ILE B 9 4.03 11.56 27.25
CA ILE B 9 3.97 12.34 26.02
C ILE B 9 2.59 12.96 25.84
N ARG B 10 2.54 13.97 24.97
CA ARG B 10 1.33 14.55 24.45
C ARG B 10 1.28 14.26 22.96
N PHE B 11 0.18 13.68 22.51
CA PHE B 11 -0.03 13.27 21.15
C PHE B 11 -1.13 14.14 20.56
N GLN B 12 -0.89 14.75 19.41
CA GLN B 12 -1.99 15.42 18.76
C GLN B 12 -2.13 15.35 17.27
N GLU B 13 -3.37 15.50 16.82
CA GLU B 13 -3.64 15.59 15.41
C GLU B 13 -3.86 17.05 15.09
N HIS B 14 -3.07 17.62 14.20
CA HIS B 14 -3.23 19.03 13.82
C HIS B 14 -4.16 19.27 12.64
N LEU B 15 -4.17 18.35 11.70
CA LEU B 15 -4.87 18.56 10.45
C LEU B 15 -5.11 17.23 9.78
N GLN B 16 -6.13 17.17 8.98
CA GLN B 16 -6.34 16.12 8.02
C GLN B 16 -6.33 16.75 6.67
N LEU B 17 -5.36 16.43 5.85
CA LEU B 17 -5.15 17.11 4.60
C LEU B 17 -6.22 16.82 3.57
N GLN B 18 -6.89 15.70 3.74
CA GLN B 18 -7.99 15.38 2.82
C GLN B 18 -9.17 16.31 3.00
N ASN B 19 -9.35 16.86 4.21
CA ASN B 19 -10.35 17.92 4.43
C ASN B 19 -10.02 19.22 3.74
N LEU B 20 -8.80 19.41 3.20
CA LEU B 20 -8.47 20.59 2.39
C LEU B 20 -8.52 20.28 0.91
N GLY B 21 -9.21 19.23 0.52
CA GLY B 21 -9.25 18.89 -0.88
C GLY B 21 -8.01 18.24 -1.44
N ILE B 22 -7.09 17.85 -0.60
CA ILE B 22 -5.87 17.14 -1.10
C ILE B 22 -6.21 15.70 -1.48
N ASN B 23 -5.85 15.38 -2.71
CA ASN B 23 -5.99 14.05 -3.24
C ASN B 23 -5.02 13.12 -2.54
N PRO B 24 -5.54 12.05 -1.92
CA PRO B 24 -4.68 11.13 -1.20
C PRO B 24 -3.60 10.49 -2.09
N ALA B 25 -3.78 10.41 -3.42
CA ALA B 25 -2.65 10.01 -4.35
C ALA B 25 -1.45 10.94 -4.33
N ASN B 26 -1.59 12.14 -3.78
CA ASN B 26 -0.42 13.06 -3.67
C ASN B 26 0.13 13.18 -2.30
N ILE B 27 -0.41 12.35 -1.41
CA ILE B 27 0.08 12.34 -0.07
C ILE B 27 1.11 11.21 0.06
N GLY B 28 2.36 11.57 -0.18
CA GLY B 28 3.43 10.59 -0.31
C GLY B 28 4.78 11.27 -0.40
N PHE B 29 5.82 10.46 -0.25
CA PHE B 29 7.16 10.95 -0.08
C PHE B 29 7.59 11.79 -1.27
N SER B 30 7.18 11.42 -2.50
CA SER B 30 7.71 12.15 -3.64
C SER B 30 6.93 13.46 -3.96
N THR B 31 5.75 13.64 -3.40
CA THR B 31 4.89 14.77 -3.76
C THR B 31 4.54 15.71 -2.60
N LEU B 32 4.75 15.27 -1.37
CA LEU B 32 4.44 16.07 -0.17
C LEU B 32 5.67 16.27 0.67
N THR B 33 6.00 17.54 0.89
CA THR B 33 7.20 17.94 1.65
C THR B 33 6.83 18.78 2.85
N MET B 34 7.59 18.56 3.90
CA MET B 34 7.42 19.24 5.18
C MET B 34 8.79 19.44 5.80
N GLU B 35 9.41 20.56 5.44
CA GLU B 35 10.81 20.82 5.78
C GLU B 35 10.89 21.37 7.16
N SER B 36 9.78 21.86 7.66
CA SER B 36 9.72 22.32 9.03
C SER B 36 8.27 22.26 9.45
N ASP B 37 8.00 22.65 10.69
CA ASP B 37 6.61 22.69 11.11
C ASP B 37 5.81 23.90 10.61
N LYS B 38 6.35 24.75 9.73
CA LYS B 38 5.67 25.97 9.28
C LYS B 38 4.79 25.81 8.03
N PHE B 39 5.16 24.89 7.15
CA PHE B 39 4.53 24.73 5.87
C PHE B 39 4.49 23.24 5.47
N ILE B 40 3.45 22.90 4.74
CA ILE B 40 3.42 21.68 3.99
C ILE B 40 3.18 22.05 2.54
N CYS B 41 3.96 21.44 1.65
N CYS B 41 3.93 21.39 1.68
CA CYS B 41 3.87 21.67 0.19
CA CYS B 41 3.91 21.66 0.27
C CYS B 41 3.50 20.38 -0.49
C CYS B 41 3.52 20.38 -0.50
N ILE B 42 2.49 20.46 -1.33
CA ILE B 42 2.03 19.32 -2.14
C ILE B 42 1.98 19.61 -3.61
N ARG B 43 2.68 18.78 -4.40
CA ARG B 43 2.60 18.89 -5.83
C ARG B 43 1.40 18.05 -6.31
N GLU B 44 0.56 18.67 -7.13
CA GLU B 44 -0.64 18.09 -7.68
C GLU B 44 -0.73 18.44 -9.16
N LYS B 45 -1.56 17.69 -9.88
CA LYS B 45 -2.03 18.05 -11.20
C LYS B 45 -3.48 18.37 -11.16
N VAL B 46 -3.89 19.54 -11.65
CA VAL B 46 -5.30 19.82 -11.95
C VAL B 46 -5.35 19.99 -13.47
N GLY B 47 -6.06 19.08 -14.15
CA GLY B 47 -6.08 19.04 -15.61
C GLY B 47 -4.68 18.79 -16.12
N GLU B 48 -4.29 19.57 -17.12
CA GLU B 48 -2.93 19.58 -17.65
C GLU B 48 -1.94 20.36 -16.74
N GLN B 49 -2.45 21.24 -15.89
CA GLN B 49 -1.54 22.12 -15.12
C GLN B 49 -1.02 21.47 -13.82
N ALA B 50 0.28 21.31 -13.70
CA ALA B 50 0.86 20.99 -12.41
C ALA B 50 0.81 22.26 -11.54
N GLN B 51 0.63 22.06 -10.25
CA GLN B 51 0.55 23.10 -9.28
C GLN B 51 1.13 22.63 -7.98
N VAL B 52 1.48 23.60 -7.14
CA VAL B 52 1.94 23.34 -5.79
C VAL B 52 0.91 23.95 -4.91
N VAL B 53 0.50 23.21 -3.90
CA VAL B 53 -0.42 23.66 -2.92
C VAL B 53 0.44 23.86 -1.67
N ILE B 54 0.39 25.06 -1.10
CA ILE B 54 1.19 25.40 0.06
C ILE B 54 0.27 25.71 1.22
N ILE B 55 0.43 24.94 2.25
CA ILE B 55 -0.37 25.06 3.45
C ILE B 55 0.50 25.68 4.50
N ASP B 56 0.05 26.85 4.90
CA ASP B 56 0.66 27.57 5.98
C ASP B 56 0.07 27.00 7.25
N MET B 57 0.92 26.37 8.08
CA MET B 57 0.44 25.72 9.27
C MET B 57 -0.17 26.67 10.30
N ASN B 58 0.10 27.95 10.19
CA ASN B 58 -0.52 28.90 11.07
C ASN B 58 -1.82 29.45 10.50
N ASP B 59 -2.14 29.12 9.25
CA ASP B 59 -3.43 29.50 8.63
C ASP B 59 -3.91 28.46 7.62
N PRO B 60 -4.14 27.23 8.10
CA PRO B 60 -4.17 26.04 7.24
C PRO B 60 -5.42 25.93 6.38
N SER B 61 -6.48 26.64 6.72
CA SER B 61 -7.65 26.47 5.96
C SER B 61 -7.63 27.40 4.77
N ASN B 62 -6.56 28.20 4.58
CA ASN B 62 -6.41 29.09 3.42
C ASN B 62 -5.12 28.80 2.59
N PRO B 63 -5.07 27.65 1.90
CA PRO B 63 -3.83 27.36 1.21
C PRO B 63 -3.69 28.16 -0.06
N ILE B 64 -2.46 28.26 -0.52
CA ILE B 64 -1.96 29.06 -1.62
C ILE B 64 -1.68 28.00 -2.68
N ARG B 65 -2.14 28.25 -3.88
CA ARG B 65 -1.83 27.38 -5.01
C ARG B 65 -1.07 28.20 -6.04
N ARG B 66 -0.06 27.62 -6.66
CA ARG B 66 0.65 28.29 -7.75
C ARG B 66 0.90 27.25 -8.83
N PRO B 67 0.78 27.64 -10.11
CA PRO B 67 1.27 26.78 -11.20
C PRO B 67 2.78 26.58 -11.15
N ILE B 68 3.21 25.34 -11.37
CA ILE B 68 4.60 25.02 -11.48
C ILE B 68 4.89 24.08 -12.63
N SER B 69 6.16 23.95 -12.97
CA SER B 69 6.61 22.87 -13.83
C SER B 69 7.80 22.18 -13.22
N ALA B 70 7.71 21.85 -11.95
CA ALA B 70 8.85 21.30 -11.19
C ALA B 70 8.59 19.82 -10.83
N ASP B 71 9.63 19.04 -10.70
CA ASP B 71 9.52 17.69 -10.21
C ASP B 71 9.65 17.58 -8.71
N SER B 72 9.95 18.67 -8.00
CA SER B 72 10.18 18.65 -6.59
C SER B 72 10.13 20.10 -6.08
N ALA B 73 9.40 20.27 -4.97
CA ALA B 73 9.18 21.55 -4.30
C ALA B 73 9.46 21.41 -2.79
N ILE B 74 10.41 22.19 -2.30
CA ILE B 74 10.72 22.23 -0.89
C ILE B 74 10.75 23.69 -0.34
N MET B 75 9.91 23.94 0.66
CA MET B 75 9.82 25.23 1.24
C MET B 75 10.92 25.43 2.27
N ASN B 76 11.40 26.67 2.33
CA ASN B 76 12.36 27.10 3.35
C ASN B 76 11.77 26.80 4.73
N PRO B 77 12.59 26.45 5.72
CA PRO B 77 12.02 26.26 7.07
C PRO B 77 11.33 27.38 7.74
N ALA B 78 11.66 28.62 7.42
CA ALA B 78 11.08 29.75 8.17
C ALA B 78 10.38 30.72 7.36
N SER B 79 10.65 30.79 6.08
CA SER B 79 10.10 31.90 5.26
C SER B 79 9.39 31.31 4.02
N LYS B 80 8.51 32.07 3.43
CA LYS B 80 7.84 31.65 2.20
C LYS B 80 8.73 31.77 0.99
N VAL B 81 9.79 31.00 1.01
CA VAL B 81 10.78 30.98 -0.01
C VAL B 81 10.78 29.54 -0.42
N ILE B 82 10.60 29.25 -1.70
CA ILE B 82 10.42 27.87 -2.15
C ILE B 82 11.54 27.51 -3.11
N ALA B 83 12.10 26.33 -2.97
CA ALA B 83 13.05 25.81 -3.90
C ALA B 83 12.33 24.82 -4.81
N LEU B 84 12.49 25.02 -6.12
CA LEU B 84 11.89 24.18 -7.14
C LEU B 84 12.95 23.64 -8.08
N LYS B 85 12.86 22.36 -8.45
CA LYS B 85 13.72 21.82 -9.47
C LYS B 85 12.99 21.03 -10.56
N ALA B 86 13.65 20.94 -11.71
CA ALA B 86 13.25 20.11 -12.83
C ALA B 86 14.57 19.55 -13.39
N GLY B 87 14.89 18.31 -13.05
CA GLY B 87 16.11 17.67 -13.52
C GLY B 87 17.33 18.33 -12.92
N LYS B 88 18.05 19.08 -13.76
CA LYS B 88 19.27 19.75 -13.38
C LYS B 88 19.06 21.23 -13.00
N THR B 89 17.87 21.74 -13.30
CA THR B 89 17.56 23.14 -13.18
C THR B 89 16.96 23.42 -11.80
N LEU B 90 17.62 24.32 -11.05
CA LEU B 90 17.18 24.68 -9.70
C LEU B 90 16.84 26.15 -9.63
N GLN B 91 15.70 26.48 -9.06
CA GLN B 91 15.30 27.88 -8.94
C GLN B 91 14.71 28.11 -7.58
N ILE B 92 15.01 29.27 -7.02
CA ILE B 92 14.57 29.63 -5.70
C ILE B 92 13.75 30.88 -5.79
N PHE B 93 12.55 30.83 -5.25
CA PHE B 93 11.61 31.94 -5.33
C PHE B 93 11.14 32.43 -4.00
N ASN B 94 11.17 33.75 -3.83
CA ASN B 94 10.44 34.37 -2.77
C ASN B 94 8.99 34.56 -3.27
N ILE B 95 8.05 33.89 -2.64
CA ILE B 95 6.66 33.86 -3.07
C ILE B 95 5.98 35.19 -2.92
N GLU B 96 6.12 35.81 -1.76
CA GLU B 96 5.48 37.08 -1.51
C GLU B 96 6.04 38.19 -2.42
N MET B 97 7.29 38.13 -2.76
CA MET B 97 7.90 39.12 -3.67
C MET B 97 7.74 38.80 -5.14
N LYS B 98 7.23 37.61 -5.43
CA LYS B 98 7.16 37.08 -6.80
C LYS B 98 8.44 37.19 -7.54
N SER B 99 9.48 36.72 -6.92
CA SER B 99 10.78 37.05 -7.40
C SER B 99 11.67 35.82 -7.33
N LYS B 100 12.45 35.66 -8.40
CA LYS B 100 13.41 34.60 -8.53
C LYS B 100 14.71 35.03 -7.85
N MET B 101 14.95 34.52 -6.67
CA MET B 101 16.08 34.94 -5.90
C MET B 101 17.38 34.39 -6.49
N LYS B 102 17.38 33.11 -6.83
CA LYS B 102 18.61 32.41 -7.22
C LYS B 102 18.23 31.32 -8.21
N ALA B 103 19.16 30.97 -9.10
CA ALA B 103 18.99 29.87 -10.03
C ALA B 103 20.35 29.24 -10.29
N HIS B 104 20.34 27.95 -10.65
CA HIS B 104 21.55 27.24 -10.91
C HIS B 104 21.25 25.96 -11.70
N THR B 105 22.06 25.66 -12.71
CA THR B 105 21.93 24.43 -13.48
C THR B 105 23.07 23.50 -13.12
N MET B 106 22.73 22.38 -12.48
CA MET B 106 23.74 21.37 -12.14
C MET B 106 24.18 20.57 -13.39
N THR B 107 25.28 19.86 -13.27
CA THR B 107 25.73 19.04 -14.39
C THR B 107 25.04 17.65 -14.23
N ASP B 108 24.52 17.31 -13.05
CA ASP B 108 23.92 16.00 -12.78
C ASP B 108 22.52 16.24 -12.19
N ASP B 109 21.58 15.33 -12.44
CA ASP B 109 20.28 15.41 -11.77
C ASP B 109 20.41 15.35 -10.26
N VAL B 110 19.57 16.13 -9.59
CA VAL B 110 19.47 16.13 -8.15
C VAL B 110 18.38 15.13 -7.78
N THR B 111 18.74 14.01 -7.18
CA THR B 111 17.79 13.00 -6.85
C THR B 111 17.12 13.20 -5.52
N PHE B 112 17.71 14.00 -4.63
CA PHE B 112 17.16 14.28 -3.32
C PHE B 112 17.71 15.63 -2.87
N TRP B 113 16.90 16.42 -2.21
CA TRP B 113 17.36 17.71 -1.66
C TRP B 113 16.51 18.08 -0.44
N LYS B 114 17.10 18.90 0.41
CA LYS B 114 16.50 19.25 1.70
C LYS B 114 17.10 20.52 2.24
N TRP B 115 16.30 21.37 2.88
CA TRP B 115 16.83 22.51 3.58
C TRP B 115 17.49 21.98 4.83
N ILE B 116 18.76 22.27 5.03
CA ILE B 116 19.45 21.82 6.27
C ILE B 116 19.60 22.90 7.30
N SER B 117 19.24 24.14 6.99
CA SER B 117 19.27 25.24 7.94
C SER B 117 18.32 26.28 7.40
N LEU B 118 18.23 27.44 8.05
CA LEU B 118 17.41 28.53 7.57
C LEU B 118 17.89 29.04 6.22
N ASN B 119 19.15 28.82 5.85
CA ASN B 119 19.61 29.44 4.62
C ASN B 119 20.41 28.59 3.67
N THR B 120 20.45 27.29 3.92
CA THR B 120 21.22 26.37 3.12
C THR B 120 20.42 25.20 2.71
N VAL B 121 20.48 24.92 1.43
CA VAL B 121 19.86 23.74 0.85
C VAL B 121 20.91 22.70 0.49
N ALA B 122 20.71 21.44 0.83
CA ALA B 122 21.62 20.35 0.46
C ALA B 122 21.10 19.66 -0.78
N LEU B 123 21.99 19.36 -1.71
CA LEU B 123 21.64 18.69 -2.93
C LEU B 123 22.39 17.38 -3.03
N VAL B 124 21.69 16.30 -3.36
CA VAL B 124 22.28 14.97 -3.55
C VAL B 124 22.06 14.56 -4.98
N THR B 125 23.15 14.27 -5.66
CA THR B 125 23.11 13.66 -6.95
C THR B 125 23.39 12.19 -6.84
N ASP B 126 23.46 11.47 -7.97
CA ASP B 126 23.87 10.11 -7.94
C ASP B 126 25.29 9.97 -7.34
N ASN B 127 26.13 11.02 -7.48
CA ASN B 127 27.57 10.91 -7.20
C ASN B 127 28.13 11.69 -6.02
N ALA B 128 27.43 12.73 -5.56
CA ALA B 128 27.98 13.66 -4.61
C ALA B 128 26.89 14.43 -3.90
N VAL B 129 27.33 15.10 -2.87
CA VAL B 129 26.49 15.93 -2.04
C VAL B 129 27.05 17.36 -2.01
N TYR B 130 26.12 18.31 -2.16
CA TYR B 130 26.42 19.73 -2.29
C TYR B 130 25.67 20.53 -1.25
N HIS B 131 26.27 21.61 -0.80
CA HIS B 131 25.55 22.63 -0.01
C HIS B 131 25.43 23.89 -0.79
N TRP B 132 24.24 24.52 -0.74
CA TRP B 132 24.01 25.76 -1.44
C TRP B 132 23.42 26.78 -0.52
N SER B 133 24.21 27.80 -0.18
CA SER B 133 23.79 28.87 0.66
C SER B 133 22.99 29.89 -0.10
N MET B 134 21.93 30.40 0.51
CA MET B 134 21.15 31.48 -0.10
C MET B 134 21.75 32.87 0.12
N GLU B 135 22.79 33.02 0.91
CA GLU B 135 23.43 34.33 1.12
C GLU B 135 24.21 34.79 -0.10
N GLY B 136 24.02 36.05 -0.48
CA GLY B 136 24.83 36.60 -1.51
C GLY B 136 24.72 35.82 -2.83
N GLU B 137 25.84 35.74 -3.55
CA GLU B 137 25.89 35.10 -4.87
C GLU B 137 26.46 33.69 -4.79
N SER B 138 26.46 33.06 -3.64
CA SER B 138 26.95 31.66 -3.52
C SER B 138 26.31 30.69 -4.53
N GLN B 139 27.12 29.79 -5.04
CA GLN B 139 26.71 28.64 -5.83
C GLN B 139 26.90 27.33 -5.03
N PRO B 140 26.27 26.22 -5.48
CA PRO B 140 26.42 25.01 -4.70
C PRO B 140 27.88 24.61 -4.62
N VAL B 141 28.28 24.12 -3.49
CA VAL B 141 29.65 23.72 -3.21
C VAL B 141 29.59 22.20 -2.93
N LYS B 142 30.42 21.45 -3.64
CA LYS B 142 30.52 20.03 -3.38
C LYS B 142 31.21 19.78 -2.01
N MET B 143 30.50 19.11 -1.12
CA MET B 143 30.94 18.75 0.23
C MET B 143 31.73 17.46 0.24
N PHE B 144 31.14 16.43 -0.38
CA PHE B 144 31.78 15.14 -0.47
C PHE B 144 31.22 14.28 -1.59
N ASP B 145 31.98 13.28 -1.98
CA ASP B 145 31.56 12.32 -2.99
C ASP B 145 30.92 11.11 -2.28
N ARG B 146 29.86 10.59 -2.88
CA ARG B 146 29.10 9.49 -2.26
C ARG B 146 29.89 8.22 -2.17
N HIS B 147 29.68 7.47 -1.10
CA HIS B 147 30.36 6.22 -0.91
C HIS B 147 29.62 5.12 -1.67
N SER B 148 30.36 4.16 -2.17
CA SER B 148 29.80 3.12 -3.04
C SER B 148 28.76 2.24 -2.33
N SER B 149 28.79 2.19 -1.01
CA SER B 149 27.81 1.42 -0.21
C SER B 149 26.39 2.02 -0.34
N LEU B 150 26.24 3.25 -0.81
CA LEU B 150 24.89 3.82 -1.06
C LEU B 150 24.43 3.73 -2.52
N ALA B 151 25.22 3.05 -3.34
CA ALA B 151 24.97 3.08 -4.76
C ALA B 151 23.68 2.26 -4.96
N GLY B 152 22.71 2.78 -5.66
CA GLY B 152 21.52 1.93 -5.86
C GLY B 152 20.46 2.17 -4.78
N CYS B 153 20.78 2.93 -3.74
CA CYS B 153 19.83 3.15 -2.67
C CYS B 153 18.85 4.22 -3.07
N GLN B 154 17.66 4.10 -2.53
CA GLN B 154 16.79 5.26 -2.44
C GLN B 154 17.26 6.15 -1.36
N ILE B 155 17.58 7.41 -1.69
CA ILE B 155 17.99 8.38 -0.68
C ILE B 155 16.76 8.90 0.05
N ILE B 156 16.77 8.80 1.39
CA ILE B 156 15.65 9.19 2.17
C ILE B 156 15.92 10.33 3.15
N ASN B 157 17.17 10.65 3.43
CA ASN B 157 17.44 11.73 4.32
C ASN B 157 18.88 12.19 4.18
N TYR B 158 19.04 13.45 4.58
CA TYR B 158 20.37 14.06 4.69
C TYR B 158 20.29 15.07 5.83
N ARG B 159 21.23 14.96 6.75
CA ARG B 159 21.26 15.95 7.82
C ARG B 159 22.68 16.17 8.39
N THR B 160 22.77 17.21 9.20
CA THR B 160 24.05 17.66 9.70
C THR B 160 23.96 18.01 11.16
N ASP B 161 25.12 18.17 11.78
CA ASP B 161 25.15 18.70 13.10
C ASP B 161 24.97 20.22 13.01
N ALA B 162 24.91 20.88 14.15
CA ALA B 162 24.64 22.30 14.23
C ALA B 162 25.71 23.09 13.54
N LYS B 163 26.97 22.70 13.65
CA LYS B 163 28.02 23.47 12.99
C LYS B 163 28.36 23.04 11.58
N GLN B 164 27.59 22.13 11.02
CA GLN B 164 27.81 21.58 9.67
C GLN B 164 29.23 21.02 9.45
N LYS B 165 29.74 20.37 10.48
CA LYS B 165 31.05 19.69 10.38
C LYS B 165 30.92 18.14 10.23
N TRP B 166 29.75 17.65 10.52
CA TRP B 166 29.42 16.26 10.47
C TRP B 166 28.14 16.14 9.62
N LEU B 167 28.27 15.38 8.53
CA LEU B 167 27.24 15.29 7.49
C LEU B 167 26.79 13.85 7.37
N LEU B 168 25.50 13.63 7.17
CA LEU B 168 24.99 12.21 7.13
C LEU B 168 23.99 12.03 6.04
N LEU B 169 24.35 11.20 5.08
CA LEU B 169 23.47 10.77 4.01
C LEU B 169 22.93 9.38 4.30
N THR B 170 21.61 9.20 4.11
CA THR B 170 20.93 7.97 4.34
C THR B 170 20.10 7.48 3.17
N GLY B 171 20.35 6.23 2.82
CA GLY B 171 19.67 5.49 1.75
C GLY B 171 19.14 4.15 2.22
N ILE B 172 18.13 3.61 1.51
CA ILE B 172 17.62 2.29 1.80
C ILE B 172 17.48 1.49 0.52
N SER B 173 17.54 0.16 0.66
CA SER B 173 17.30 -0.76 -0.43
C SER B 173 16.87 -2.08 0.17
N ALA B 174 16.54 -3.05 -0.66
CA ALA B 174 16.16 -4.36 -0.17
C ALA B 174 17.39 -5.28 -0.27
N GLN B 175 17.71 -6.03 0.79
CA GLN B 175 18.75 -7.06 0.75
C GLN B 175 18.21 -8.18 1.60
N GLN B 176 18.13 -9.37 1.03
CA GLN B 176 17.59 -10.52 1.72
C GLN B 176 16.19 -10.29 2.26
N ASN B 177 15.34 -9.70 1.44
CA ASN B 177 13.95 -9.46 1.84
C ASN B 177 13.76 -8.60 3.09
N ARG B 178 14.67 -7.67 3.32
CA ARG B 178 14.38 -6.68 4.30
C ARG B 178 14.94 -5.38 3.86
N VAL B 179 14.40 -4.33 4.43
CA VAL B 179 14.83 -2.99 4.11
C VAL B 179 16.08 -2.69 4.94
N VAL B 180 17.17 -2.53 4.23
CA VAL B 180 18.46 -2.29 4.83
C VAL B 180 18.84 -0.83 4.64
N GLY B 181 19.22 -0.17 5.72
CA GLY B 181 19.73 1.17 5.66
C GLY B 181 21.22 1.24 5.49
N ALA B 182 21.62 2.18 4.65
CA ALA B 182 23.04 2.49 4.40
C ALA B 182 23.26 3.98 4.61
N MET B 183 24.14 4.29 5.56
CA MET B 183 24.44 5.63 5.89
C MET B 183 25.85 5.97 5.54
N GLN B 184 26.06 7.22 5.17
CA GLN B 184 27.43 7.71 4.91
C GLN B 184 27.64 8.90 5.85
N LEU B 185 28.49 8.71 6.83
CA LEU B 185 28.86 9.78 7.74
C LEU B 185 30.14 10.40 7.25
N TYR B 186 30.14 11.72 7.03
CA TYR B 186 31.25 12.46 6.56
C TYR B 186 31.73 13.52 7.59
N SER B 187 33.02 13.53 7.82
CA SER B 187 33.68 14.60 8.61
C SER B 187 34.27 15.63 7.72
N VAL B 188 33.75 16.83 7.82
CA VAL B 188 34.27 17.96 7.07
C VAL B 188 35.71 18.26 7.48
N ASP B 189 36.01 18.16 8.76
CA ASP B 189 37.35 18.48 9.16
C ASP B 189 38.39 17.45 8.73
N ARG B 190 38.02 16.17 8.74
CA ARG B 190 38.96 15.12 8.39
C ARG B 190 38.92 14.73 6.95
N LYS B 191 37.86 15.13 6.26
CA LYS B 191 37.61 14.77 4.85
C LYS B 191 37.64 13.27 4.64
N VAL B 192 36.94 12.58 5.52
CA VAL B 192 36.88 11.16 5.59
C VAL B 192 35.41 10.77 5.76
N SER B 193 35.02 9.69 5.10
CA SER B 193 33.67 9.10 5.26
C SER B 193 33.71 7.83 6.02
N GLN B 194 32.65 7.51 6.70
CA GLN B 194 32.50 6.19 7.30
C GLN B 194 31.11 5.60 6.95
N PRO B 195 31.09 4.42 6.34
CA PRO B 195 29.81 3.75 6.04
C PRO B 195 29.29 3.06 7.24
N ILE B 196 28.00 3.22 7.49
CA ILE B 196 27.39 2.69 8.67
C ILE B 196 26.02 2.10 8.30
N GLU B 197 25.69 0.93 8.79
CA GLU B 197 24.34 0.38 8.60
C GLU B 197 23.45 1.08 9.58
N GLY B 198 22.52 1.83 9.06
CA GLY B 198 21.54 2.52 9.89
C GLY B 198 20.32 2.99 9.09
N HIS B 199 19.19 3.13 9.79
CA HIS B 199 17.93 3.53 9.19
C HIS B 199 17.48 4.92 9.40
N ALA B 200 17.76 5.49 10.59
CA ALA B 200 17.34 6.84 10.92
C ALA B 200 18.35 7.40 11.95
N ALA B 201 18.58 8.69 11.90
CA ALA B 201 19.55 9.34 12.73
C ALA B 201 19.32 10.80 12.89
N SER B 202 20.01 11.36 13.89
CA SER B 202 20.07 12.79 14.13
C SER B 202 21.33 13.09 14.91
N PHE B 203 21.81 14.31 14.74
CA PHE B 203 22.82 14.87 15.58
C PHE B 203 22.18 15.64 16.73
N ALA B 204 22.95 15.87 17.80
CA ALA B 204 22.51 16.77 18.85
C ALA B 204 23.71 17.38 19.59
N GLN B 205 23.52 18.57 20.14
CA GLN B 205 24.42 19.13 21.12
C GLN B 205 24.00 18.74 22.53
N PHE B 206 24.99 18.42 23.37
CA PHE B 206 24.69 17.98 24.70
C PHE B 206 25.86 18.36 25.60
N LYS B 207 25.58 19.14 26.61
CA LYS B 207 26.62 19.51 27.54
C LYS B 207 26.61 18.62 28.76
N MET B 208 27.64 17.80 28.90
CA MET B 208 27.79 16.91 30.09
C MET B 208 28.17 17.73 31.34
N GLU B 209 27.64 17.35 32.51
CA GLU B 209 28.02 17.98 33.78
C GLU B 209 29.52 17.84 33.92
N GLY B 210 30.19 18.86 34.41
CA GLY B 210 31.64 18.84 34.52
C GLY B 210 32.38 19.20 33.23
N ASN B 211 31.68 19.35 32.12
CA ASN B 211 32.31 19.81 30.88
C ASN B 211 32.01 21.28 30.59
N ALA B 212 33.01 21.95 30.08
CA ALA B 212 32.91 23.35 29.79
C ALA B 212 32.25 23.57 28.45
N GLU B 213 32.36 22.62 27.51
CA GLU B 213 31.80 22.79 26.21
C GLU B 213 30.81 21.68 25.91
N GLU B 214 29.90 21.97 25.03
CA GLU B 214 28.97 21.00 24.50
C GLU B 214 29.68 19.92 23.73
N SER B 215 29.15 18.71 23.83
CA SER B 215 29.52 17.61 22.96
C SER B 215 28.63 17.56 21.75
N THR B 216 29.18 17.15 20.60
CA THR B 216 28.36 16.81 19.43
C THR B 216 28.11 15.30 19.38
N LEU B 217 26.83 14.93 19.48
CA LEU B 217 26.49 13.54 19.57
C LEU B 217 25.81 13.19 18.25
N PHE B 218 26.06 11.95 17.85
CA PHE B 218 25.39 11.32 16.73
C PHE B 218 24.57 10.16 17.31
N CYS B 219 23.28 10.16 17.00
CA CYS B 219 22.39 9.16 17.42
C CYS B 219 21.78 8.47 16.21
N PHE B 220 21.88 7.14 16.14
CA PHE B 220 21.28 6.45 15.03
C PHE B 220 20.66 5.17 15.48
N ALA B 221 19.59 4.83 14.78
CA ALA B 221 18.83 3.65 15.03
C ALA B 221 18.84 2.80 13.77
N VAL B 222 18.84 1.50 13.99
CA VAL B 222 18.99 0.50 12.96
C VAL B 222 18.27 -0.77 13.36
N ARG B 223 17.57 -1.38 12.39
CA ARG B 223 17.10 -2.76 12.52
C ARG B 223 18.06 -3.59 11.68
N GLY B 224 19.00 -4.24 12.35
CA GLY B 224 19.99 -5.01 11.67
C GLY B 224 19.63 -6.46 11.68
N GLN B 225 20.59 -7.24 11.24
CA GLN B 225 20.43 -8.66 11.15
C GLN B 225 20.25 -9.15 12.61
N ALA B 226 21.03 -8.54 13.53
CA ALA B 226 20.98 -8.76 15.00
C ALA B 226 19.64 -8.37 15.67
N GLY B 227 18.99 -7.32 15.20
CA GLY B 227 17.75 -6.83 15.80
C GLY B 227 17.83 -5.33 15.83
N GLY B 228 16.95 -4.68 16.56
CA GLY B 228 16.93 -3.23 16.54
C GLY B 228 17.95 -2.73 17.58
N LYS B 229 18.69 -1.69 17.23
CA LYS B 229 19.65 -1.08 18.12
C LYS B 229 19.62 0.42 17.92
N LEU B 230 19.87 1.13 19.03
CA LEU B 230 20.05 2.54 19.02
C LEU B 230 21.41 2.87 19.65
N HIS B 231 22.14 3.74 18.98
CA HIS B 231 23.50 4.13 19.38
C HIS B 231 23.53 5.61 19.57
N ILE B 232 24.27 6.02 20.59
CA ILE B 232 24.50 7.42 20.86
C ILE B 232 25.99 7.57 21.12
N ILE B 233 26.67 8.32 20.24
CA ILE B 233 28.10 8.35 20.20
C ILE B 233 28.55 9.77 19.93
N GLU B 234 29.64 10.18 20.59
CA GLU B 234 30.19 11.47 20.35
C GLU B 234 31.01 11.38 19.06
N VAL B 235 30.87 12.37 18.23
CA VAL B 235 31.69 12.44 17.05
C VAL B 235 32.76 13.50 17.26
N GLY B 236 33.97 13.16 16.86
CA GLY B 236 35.03 14.13 16.87
C GLY B 236 35.84 13.92 18.14
N THR B 237 36.85 14.75 18.26
CA THR B 237 37.67 14.76 19.43
C THR B 237 36.95 15.65 20.37
N PRO B 238 36.89 15.28 21.63
CA PRO B 238 36.14 16.18 22.48
C PRO B 238 36.76 17.57 22.45
N PRO B 239 35.95 18.61 22.59
CA PRO B 239 36.62 19.90 22.86
C PRO B 239 37.67 19.80 23.94
N THR B 240 38.66 20.69 23.95
CA THR B 240 39.76 20.62 24.87
C THR B 240 39.27 20.90 26.28
N GLY B 241 39.70 20.14 27.26
CA GLY B 241 39.13 20.25 28.60
C GLY B 241 37.83 19.45 28.82
N ASN B 242 37.22 18.85 27.79
CA ASN B 242 36.00 18.03 28.00
C ASN B 242 36.32 16.59 28.33
N GLN B 243 35.57 15.97 29.20
CA GLN B 243 35.53 14.51 29.25
C GLN B 243 34.82 14.03 28.00
N PRO B 244 35.23 12.88 27.45
CA PRO B 244 34.46 12.24 26.35
C PRO B 244 33.10 11.70 26.78
N PHE B 245 32.13 11.77 25.91
CA PHE B 245 30.81 11.25 26.21
C PHE B 245 30.90 9.74 26.09
N PRO B 246 30.49 9.01 27.12
CA PRO B 246 30.57 7.54 27.00
C PRO B 246 29.53 6.98 26.04
N LYS B 247 29.96 6.20 25.04
CA LYS B 247 28.96 5.79 24.07
C LYS B 247 27.91 4.85 24.62
N LYS B 248 26.70 4.96 24.11
CA LYS B 248 25.57 4.16 24.58
C LYS B 248 25.06 3.33 23.42
N ALA B 249 24.60 2.13 23.75
CA ALA B 249 23.96 1.22 22.81
C ALA B 249 22.84 0.54 23.52
N VAL B 250 21.63 0.63 22.97
CA VAL B 250 20.48 -0.01 23.60
C VAL B 250 19.63 -0.71 22.54
N ASP B 251 18.81 -1.64 22.98
CA ASP B 251 17.88 -2.32 22.08
C ASP B 251 16.76 -1.39 21.59
N VAL B 252 16.36 -1.60 20.35
CA VAL B 252 15.16 -0.98 19.83
C VAL B 252 14.18 -2.14 19.65
N PHE B 253 13.09 -2.14 20.42
CA PHE B 253 12.10 -3.20 20.36
C PHE B 253 11.16 -3.10 19.15
N PHE B 254 10.92 -4.24 18.53
CA PHE B 254 9.85 -4.44 17.49
C PHE B 254 9.03 -5.66 17.91
N PRO B 255 7.72 -5.49 18.04
CA PRO B 255 6.88 -6.59 18.46
C PRO B 255 6.85 -7.61 17.36
N PRO B 256 6.51 -8.84 17.72
CA PRO B 256 6.66 -9.93 16.77
C PRO B 256 5.92 -9.60 15.45
N GLU B 257 4.80 -8.89 15.57
CA GLU B 257 3.84 -8.77 14.45
C GLU B 257 4.26 -7.66 13.56
N ALA B 258 5.36 -6.99 13.94
CA ALA B 258 5.90 -5.89 13.20
C ALA B 258 7.25 -6.36 12.71
N GLN B 259 7.24 -7.55 12.15
CA GLN B 259 8.44 -8.20 11.71
C GLN B 259 9.17 -7.46 10.54
N ASN B 260 8.46 -6.60 9.78
CA ASN B 260 9.02 -5.88 8.67
C ASN B 260 9.12 -4.38 8.86
N ASP B 261 8.88 -3.94 10.10
CA ASP B 261 8.95 -2.51 10.47
C ASP B 261 10.43 -2.17 10.68
N PHE B 262 10.73 -0.90 10.57
CA PHE B 262 12.10 -0.40 10.77
C PHE B 262 11.99 1.08 11.11
N PRO B 263 13.07 1.67 11.65
CA PRO B 263 13.01 3.08 12.02
C PRO B 263 13.01 3.96 10.79
N VAL B 264 12.17 4.96 10.71
CA VAL B 264 12.13 5.89 9.56
C VAL B 264 12.37 7.34 9.90
N ALA B 265 12.27 7.73 11.17
CA ALA B 265 12.47 9.14 11.51
C ALA B 265 13.01 9.30 12.93
N MET B 266 13.79 10.35 13.09
CA MET B 266 14.33 10.70 14.40
C MET B 266 14.37 12.19 14.54
N GLN B 267 13.86 12.71 15.66
CA GLN B 267 14.16 14.08 16.05
C GLN B 267 14.58 14.06 17.50
N ILE B 268 15.47 14.99 17.85
CA ILE B 268 15.99 15.01 19.22
C ILE B 268 15.59 16.34 19.84
N SER B 269 14.93 16.31 20.98
CA SER B 269 14.67 17.54 21.73
C SER B 269 15.89 17.87 22.60
N GLU B 270 16.52 19.01 22.35
CA GLU B 270 17.58 19.48 23.22
C GLU B 270 17.03 20.30 24.41
N LYS B 271 15.73 20.58 24.40
CA LYS B 271 15.08 21.14 25.55
C LYS B 271 14.89 20.11 26.66
N HIS B 272 14.62 18.87 26.26
CA HIS B 272 14.42 17.80 27.19
C HIS B 272 15.49 16.69 27.19
N ASP B 273 16.42 16.77 26.25
CA ASP B 273 17.43 15.71 26.02
C ASP B 273 16.75 14.33 25.89
N VAL B 274 15.81 14.29 24.95
CA VAL B 274 15.07 13.10 24.63
C VAL B 274 15.10 12.86 23.11
N VAL B 275 15.19 11.60 22.72
CA VAL B 275 15.24 11.17 21.36
C VAL B 275 13.84 10.63 21.02
N PHE B 276 13.22 11.19 19.97
CA PHE B 276 11.95 10.65 19.42
C PHE B 276 12.28 9.83 18.20
N LEU B 277 11.78 8.60 18.19
CA LEU B 277 12.01 7.70 17.06
C LEU B 277 10.66 7.22 16.59
N ILE B 278 10.42 7.30 15.28
CA ILE B 278 9.21 6.81 14.68
C ILE B 278 9.59 5.73 13.69
N THR B 279 8.88 4.64 13.74
CA THR B 279 8.99 3.58 12.76
C THR B 279 8.06 3.80 11.53
N LYS B 280 8.41 3.11 10.46
CA LYS B 280 7.69 3.11 9.18
C LYS B 280 6.22 2.85 9.41
N TYR B 281 5.91 1.84 10.22
CA TYR B 281 4.52 1.51 10.53
C TYR B 281 3.84 2.22 11.77
N GLY B 282 4.39 3.34 12.17
CA GLY B 282 3.69 4.24 13.06
C GLY B 282 3.95 4.12 14.55
N TYR B 283 5.02 3.42 14.95
CA TYR B 283 5.31 3.25 16.37
C TYR B 283 6.16 4.45 16.78
N ILE B 284 5.89 4.94 17.98
CA ILE B 284 6.68 6.03 18.57
C ILE B 284 7.51 5.47 19.74
N HIS B 285 8.81 5.82 19.80
CA HIS B 285 9.68 5.51 20.92
C HIS B 285 10.29 6.81 21.45
N LEU B 286 10.45 6.94 22.77
CA LEU B 286 11.24 7.99 23.40
C LEU B 286 12.35 7.36 24.17
N TYR B 287 13.53 7.91 23.98
CA TYR B 287 14.73 7.47 24.66
C TYR B 287 15.37 8.67 25.34
N ASP B 288 15.99 8.46 26.48
CA ASP B 288 16.85 9.49 27.08
C ASP B 288 18.11 9.62 26.25
N LEU B 289 18.42 10.84 25.89
CA LEU B 289 19.62 11.09 25.09
C LEU B 289 20.89 10.77 25.82
N GLU B 290 20.90 10.95 27.13
CA GLU B 290 22.12 10.85 27.86
C GLU B 290 22.50 9.40 28.08
N THR B 291 21.52 8.56 28.49
CA THR B 291 21.77 7.16 28.83
C THR B 291 21.28 6.19 27.78
N GLY B 292 20.42 6.64 26.90
CA GLY B 292 19.74 5.73 25.99
C GLY B 292 18.57 4.98 26.58
N THR B 293 18.23 5.17 27.86
CA THR B 293 17.15 4.47 28.43
C THR B 293 15.87 4.71 27.62
N CYS B 294 15.15 3.61 27.32
CA CYS B 294 13.88 3.69 26.63
C CYS B 294 12.83 4.14 27.67
N ILE B 295 12.20 5.27 27.42
CA ILE B 295 11.20 5.84 28.33
C ILE B 295 9.77 5.39 28.06
N TYR B 296 9.44 5.20 26.79
CA TYR B 296 8.05 5.01 26.36
C TYR B 296 8.04 4.47 24.95
N MET B 297 7.10 3.59 24.68
CA MET B 297 6.81 3.16 23.32
C MET B 297 5.33 3.00 23.20
N ASN B 298 4.80 3.37 22.05
CA ASN B 298 3.40 3.09 21.78
C ASN B 298 3.21 3.22 20.29
N ARG B 299 1.99 3.18 19.85
CA ARG B 299 1.73 3.41 18.44
C ARG B 299 0.88 4.65 18.23
N ILE B 300 1.30 5.53 17.35
CA ILE B 300 0.57 6.76 17.11
C ILE B 300 -0.14 6.84 15.74
N SER B 301 0.18 5.93 14.83
CA SER B 301 -0.43 5.91 13.54
C SER B 301 -0.58 4.49 13.01
N GLY B 302 -1.68 4.27 12.36
CA GLY B 302 -1.95 3.01 11.68
C GLY B 302 -1.42 3.09 10.27
N GLU B 303 -1.14 4.29 9.77
CA GLU B 303 -0.71 4.42 8.41
C GLU B 303 0.77 4.76 8.53
N THR B 304 1.51 4.45 7.49
CA THR B 304 2.93 4.74 7.46
C THR B 304 3.18 6.24 7.47
N ILE B 305 4.23 6.60 8.17
CA ILE B 305 4.61 7.95 8.30
C ILE B 305 5.82 8.11 7.42
N PHE B 306 5.82 9.14 6.56
CA PHE B 306 6.89 9.24 5.60
C PHE B 306 7.67 10.53 5.66
N VAL B 307 7.26 11.50 6.48
CA VAL B 307 8.00 12.75 6.60
C VAL B 307 7.75 13.29 8.00
N THR B 308 8.80 13.83 8.61
CA THR B 308 8.76 14.46 9.92
C THR B 308 9.64 15.69 9.97
N ALA B 309 9.40 16.54 10.96
CA ALA B 309 10.19 17.73 11.25
C ALA B 309 10.17 17.91 12.75
N PRO B 310 11.10 18.70 13.25
CA PRO B 310 10.94 19.20 14.59
C PRO B 310 9.70 20.00 14.75
N HIS B 311 9.04 19.81 15.89
CA HIS B 311 7.91 20.61 16.26
C HIS B 311 8.42 21.64 17.27
N GLU B 312 8.66 22.85 16.77
CA GLU B 312 9.50 23.83 17.44
C GLU B 312 8.90 24.28 18.74
N ALA B 313 7.60 24.53 18.78
CA ALA B 313 7.01 25.10 19.94
C ALA B 313 7.12 24.18 21.16
N THR B 314 7.17 22.87 20.96
CA THR B 314 7.07 21.93 22.06
C THR B 314 8.34 21.15 22.15
N ALA B 315 9.26 21.48 21.25
CA ALA B 315 10.46 20.65 21.01
C ALA B 315 10.12 19.16 20.85
N GLY B 316 9.07 18.85 20.08
CA GLY B 316 8.68 17.50 19.77
C GLY B 316 8.91 17.17 18.32
N ILE B 317 8.07 16.31 17.81
CA ILE B 317 8.23 15.78 16.46
C ILE B 317 6.83 15.83 15.80
N ILE B 318 6.79 16.32 14.60
CA ILE B 318 5.55 16.41 13.84
C ILE B 318 5.73 15.61 12.56
N GLY B 319 4.68 14.99 12.07
CA GLY B 319 4.82 14.19 10.85
C GLY B 319 3.54 14.06 10.09
N VAL B 320 3.65 13.53 8.87
CA VAL B 320 2.49 13.27 8.06
C VAL B 320 2.46 11.77 7.73
N ASN B 321 1.27 11.19 7.84
CA ASN B 321 1.07 9.85 7.36
C ASN B 321 0.36 9.79 6.01
N ARG B 322 0.23 8.58 5.45
CA ARG B 322 -0.24 8.41 4.07
C ARG B 322 -1.70 8.75 3.92
N LYS B 323 -2.43 8.78 5.03
CA LYS B 323 -3.81 9.21 5.04
C LYS B 323 -3.94 10.74 4.97
N GLY B 324 -2.88 11.43 5.38
CA GLY B 324 -2.83 12.87 5.40
C GLY B 324 -3.12 13.43 6.77
N GLN B 325 -3.05 12.62 7.81
CA GLN B 325 -3.07 13.14 9.16
C GLN B 325 -1.76 13.79 9.50
N VAL B 326 -1.83 14.99 10.04
CA VAL B 326 -0.63 15.67 10.46
C VAL B 326 -0.59 15.52 11.96
N LEU B 327 0.39 14.77 12.43
CA LEU B 327 0.44 14.37 13.82
C LEU B 327 1.71 14.84 14.52
N SER B 328 1.61 15.10 15.82
CA SER B 328 2.74 15.42 16.63
C SER B 328 2.78 14.68 17.97
N VAL B 329 4.01 14.50 18.44
CA VAL B 329 4.32 13.95 19.77
C VAL B 329 5.36 14.88 20.44
N CYS B 330 5.11 15.21 21.69
CA CYS B 330 6.13 15.91 22.49
C CYS B 330 6.13 15.38 23.94
N VAL B 331 7.17 15.76 24.69
CA VAL B 331 7.21 15.51 26.07
C VAL B 331 6.03 16.24 26.72
N GLU B 332 5.26 15.52 27.55
CA GLU B 332 4.30 16.12 28.44
C GLU B 332 5.04 16.48 29.74
N GLU B 333 5.35 17.76 29.87
CA GLU B 333 6.23 18.27 30.88
C GLU B 333 5.75 18.15 32.31
N GLU B 334 4.45 18.00 32.55
CA GLU B 334 4.05 17.78 33.96
C GLU B 334 3.86 16.29 34.32
N ASN B 335 3.93 15.39 33.33
CA ASN B 335 3.80 13.94 33.61
C ASN B 335 5.08 13.14 33.44
N ILE B 336 6.03 13.63 32.66
CA ILE B 336 7.11 12.75 32.28
C ILE B 336 7.87 12.27 33.55
N ILE B 337 8.02 13.13 34.55
CA ILE B 337 8.89 12.73 35.70
C ILE B 337 8.14 11.75 36.58
N PRO B 338 6.91 12.05 36.96
CA PRO B 338 6.27 10.99 37.75
C PRO B 338 6.05 9.66 36.98
N TYR B 339 5.94 9.70 35.67
CA TYR B 339 5.82 8.50 34.86
C TYR B 339 7.05 7.66 35.01
N ILE B 340 8.19 8.29 34.86
CA ILE B 340 9.47 7.62 35.01
C ILE B 340 9.67 7.07 36.42
N THR B 341 9.28 7.84 37.42
CA THR B 341 9.40 7.41 38.80
C THR B 341 8.51 6.19 39.05
N ASN B 342 7.26 6.30 38.62
CA ASN B 342 6.23 5.37 39.08
C ASN B 342 5.90 4.25 38.11
N VAL B 343 5.83 4.51 36.83
CA VAL B 343 5.57 3.45 35.90
C VAL B 343 6.87 2.75 35.53
N LEU B 344 7.95 3.46 35.28
CA LEU B 344 9.21 2.77 34.94
C LEU B 344 9.95 2.39 36.15
N GLN B 345 9.51 2.90 37.29
CA GLN B 345 10.18 2.70 38.54
C GLN B 345 11.64 2.96 38.49
N ASN B 346 11.98 4.14 37.97
CA ASN B 346 13.35 4.54 37.82
C ASN B 346 13.54 5.93 38.40
N PRO B 347 13.54 6.04 39.75
CA PRO B 347 13.77 7.30 40.41
C PRO B 347 15.12 7.95 40.02
N ASP B 348 16.13 7.15 39.78
CA ASP B 348 17.38 7.70 39.35
C ASP B 348 17.28 8.51 38.10
N LEU B 349 16.66 7.95 37.07
CA LEU B 349 16.52 8.70 35.85
C LEU B 349 15.56 9.89 36.03
N ALA B 350 14.55 9.69 36.84
CA ALA B 350 13.52 10.68 37.02
C ALA B 350 14.16 11.93 37.61
N LEU B 351 14.97 11.73 38.64
CA LEU B 351 15.62 12.79 39.37
C LEU B 351 16.62 13.52 38.47
N ARG B 352 17.42 12.76 37.75
CA ARG B 352 18.36 13.33 36.85
C ARG B 352 17.64 14.20 35.81
N MET B 353 16.61 13.68 35.18
CA MET B 353 15.94 14.48 34.13
C MET B 353 15.29 15.72 34.72
N ALA B 354 14.75 15.57 35.91
CA ALA B 354 14.05 16.67 36.52
C ALA B 354 15.02 17.87 36.65
N VAL B 355 16.23 17.66 37.17
CA VAL B 355 17.13 18.76 37.39
C VAL B 355 17.85 19.13 36.12
N ARG B 356 18.18 18.17 35.28
CA ARG B 356 18.83 18.45 34.05
C ARG B 356 17.96 19.35 33.11
N ASN B 357 16.67 19.09 33.01
CA ASN B 357 15.84 19.87 32.12
C ASN B 357 14.79 20.72 32.82
N ASN B 358 14.93 20.93 34.10
CA ASN B 358 14.04 21.84 34.84
C ASN B 358 12.58 21.47 34.78
N LEU B 359 12.28 20.21 35.10
CA LEU B 359 10.92 19.68 35.02
C LEU B 359 10.46 19.37 36.40
N ALA B 360 9.15 19.49 36.62
CA ALA B 360 8.55 19.36 37.91
C ALA B 360 8.26 17.88 38.13
N GLY B 361 8.17 17.46 39.37
CA GLY B 361 7.67 16.13 39.73
C GLY B 361 8.60 15.23 40.54
N ALA B 362 9.87 15.63 40.69
CA ALA B 362 10.85 14.81 41.42
C ALA B 362 11.04 15.31 42.85
N GLU B 363 10.05 16.07 43.33
CA GLU B 363 9.88 16.47 44.74
C GLU B 363 9.49 15.25 45.54
N GLU B 364 8.82 14.30 44.90
CA GLU B 364 8.59 13.01 45.56
C GLU B 364 8.86 11.81 44.68
N LEU B 365 9.70 10.91 45.19
CA LEU B 365 10.34 9.84 44.40
C LEU B 365 9.99 8.47 45.02
N LEU C 4 -34.71 -37.86 -16.70
CA LEU C 4 -34.40 -39.13 -15.97
C LEU C 4 -33.26 -38.76 -15.03
N PRO C 5 -32.07 -39.41 -15.17
CA PRO C 5 -30.88 -38.66 -14.65
C PRO C 5 -30.43 -37.57 -15.64
N LEU C 6 -30.07 -36.41 -15.13
CA LEU C 6 -29.71 -35.33 -15.98
C LEU C 6 -28.40 -35.62 -16.80
N LEU C 7 -27.62 -36.55 -16.31
CA LEU C 7 -26.43 -37.03 -16.96
C LEU C 7 -26.59 -38.55 -17.21
N GLU C 8 -26.27 -39.03 -18.39
CA GLU C 8 -26.13 -40.53 -18.59
C GLU C 8 -24.65 -40.85 -18.57
N SER C 9 -24.25 -41.78 -17.70
CA SER C 9 -22.79 -41.94 -17.33
C SER C 9 -22.08 -43.01 -18.14
N LEU D 4 10.44 29.13 -19.31
CA LEU D 4 9.69 29.04 -18.04
C LEU D 4 10.59 29.29 -16.82
N PRO D 5 10.14 30.17 -15.93
CA PRO D 5 10.45 29.94 -14.52
C PRO D 5 9.66 28.70 -14.06
N LEU D 6 10.17 27.97 -13.08
CA LEU D 6 9.53 26.74 -12.63
C LEU D 6 8.29 27.03 -11.83
N LEU D 7 8.17 28.26 -11.36
CA LEU D 7 6.98 28.74 -10.73
C LEU D 7 6.42 29.91 -11.53
N GLU D 8 5.11 29.96 -11.68
CA GLU D 8 4.39 31.19 -12.20
C GLU D 8 3.88 31.98 -11.02
N SER D 9 4.57 33.10 -10.71
CA SER D 9 4.47 33.76 -9.38
C SER D 9 3.14 34.49 -9.23
N PRO E 2 4.11 -18.24 -23.19
CA PRO E 2 4.60 -16.92 -23.60
C PRO E 2 3.68 -16.20 -24.64
N ARG E 3 3.41 -14.90 -24.43
CA ARG E 3 2.62 -14.06 -25.38
C ARG E 3 2.77 -12.52 -25.10
N LEU E 4 2.46 -11.69 -26.10
CA LEU E 4 2.51 -10.23 -25.89
C LEU E 4 1.11 -9.57 -25.84
N PRO E 5 0.93 -8.64 -24.88
CA PRO E 5 -0.35 -7.94 -24.86
C PRO E 5 -0.52 -7.14 -26.16
N LEU E 6 -1.69 -6.57 -26.36
CA LEU E 6 -2.04 -6.02 -27.66
C LEU E 6 -1.65 -4.55 -27.88
N LEU E 7 -1.23 -3.84 -26.83
CA LEU E 7 -0.99 -2.36 -26.91
C LEU E 7 0.49 -1.95 -26.77
N PRO F 2 -5.75 17.32 20.94
CA PRO F 2 -5.28 16.21 21.79
C PRO F 2 -5.88 14.82 21.37
N ARG F 3 -5.20 13.71 21.67
CA ARG F 3 -5.62 12.36 21.17
C ARG F 3 -4.96 11.15 21.95
N LEU F 4 -5.52 9.91 21.87
CA LEU F 4 -4.85 8.75 22.56
C LEU F 4 -4.00 7.93 21.57
N PRO F 5 -2.87 7.35 22.09
CA PRO F 5 -2.09 6.43 21.25
C PRO F 5 -2.87 5.13 21.12
N LEU F 6 -2.49 4.26 20.18
CA LEU F 6 -3.36 3.15 19.80
C LEU F 6 -3.18 1.85 20.62
N LEU F 7 -2.12 1.72 21.42
CA LEU F 7 -1.79 0.44 22.12
C LEU F 7 -2.13 0.45 23.62
N LEU G 4 -25.31 2.09 10.70
CA LEU G 4 -25.98 1.50 9.50
C LEU G 4 -25.03 0.57 8.69
N PRO G 5 -23.94 1.14 8.10
CA PRO G 5 -23.39 0.55 6.87
C PRO G 5 -22.38 -0.59 7.14
N LEU G 6 -22.40 -1.57 6.25
CA LEU G 6 -21.39 -2.65 6.23
C LEU G 6 -19.96 -2.17 5.86
N LEU G 7 -19.90 -1.10 5.06
CA LEU G 7 -18.67 -0.54 4.50
C LEU G 7 -18.32 0.87 5.02
N LEU H 4 42.01 6.12 11.48
CA LEU H 4 41.01 5.33 10.71
C LEU H 4 39.53 5.89 10.87
N PRO H 5 38.67 5.27 11.72
CA PRO H 5 37.23 5.57 11.61
C PRO H 5 36.76 6.76 12.44
N LEU H 6 35.67 7.36 12.00
CA LEU H 6 35.06 8.55 12.66
C LEU H 6 34.39 8.33 14.02
N LEU H 7 33.99 7.10 14.31
CA LEU H 7 33.23 6.79 15.55
C LEU H 7 34.02 5.90 16.53
#